data_7TUV
#
_entry.id   7TUV
#
_cell.length_a   66.296
_cell.length_b   91.113
_cell.length_c   148.305
_cell.angle_alpha   90
_cell.angle_beta   90
_cell.angle_gamma   90
#
_symmetry.space_group_name_H-M   'P 21 21 21'
#
loop_
_entity.id
_entity.type
_entity.pdbx_description
1 polymer 'Ribonuclease RRP44'
2 polymer "RNA (5'-R(P*GP*GP*UP*U)-3')"
3 non-polymer "URIDINE-5'-MONOPHOSPHATE"
4 non-polymer 'MAGNESIUM ION'
5 water water
#
loop_
_entity_poly.entity_id
_entity_poly.type
_entity_poly.pdbx_seq_one_letter_code
_entity_poly.pdbx_strand_id
1 'polypeptide(L)'
;MGARALFSPHLAESALDLGVQNGTYLRGKLRVSETNCFFGEIRGQWKGHNFERVLLPGRTNLNRAIHGDIVTVELLPVAS
WRPLRGAKPTEEMNDTGAGGDDHENSGREGIGEESEGAALARGYTPVGRVVGITTMNRRPFCGSIDVEELNKLADTLDTL
TGTVSVLFQPKDNRIPRIRITTAHLGDLKDKRLSVIIDDWGEHSSFPVGHYVEVLGTIGDKDTEAKVILLENDIPHYDFS
EAVYDCLPKGEWNVTEEELGNRLDLRDLCVVSVDPLGCRDIDDALHCRRVNGNHLEVGVHIADVTHFLKEGTAMDEEAAK
RSTSVYLVDRRINMLPQLLTENLCSIVADEDRYAFSIMWEFDENYSVVREFFGKTVIRSRAALYYGDAQRMIDDPEDESE
AAVSLRYLMQLSRHFRKRREKDGALFLCSQEFKFKVDNDHVNPTDMQAYQTFDSNSMIEEWMLFANAAAARRVYASFPRW
TLLRRHQAPAENAFDTLNEAIRRKIGVKLDDTTSLALNESLEKCVDPSDPYFNRLIRTLVTRCLRQAQYFSSSEVSKDEF
HHFGLAMPIYTHFTSPIRRYADVIVHRQLAAALGIMDVSEAHMVSVKMEALASNLNYRHEQAQKAGRDSQNLFTGFYLRN
FANQEIPSEDGYVVKLSETHVFVLVPKYGQEGKIAKETLVRVPNLLDKVKVGIEVRQRGDVLRASLVFSIIGLMKGCEDV
SEPVAIAGEELPLKRQRLEHHHHHH
;
A
2 'polyribonucleotide' GGUU B
#
# COMPACT_ATOMS: atom_id res chain seq x y z
N ALA A 5 -14.04 16.36 -35.18
CA ALA A 5 -15.48 16.42 -35.02
C ALA A 5 -15.93 16.13 -33.57
N LEU A 6 -15.41 15.05 -32.95
CA LEU A 6 -15.76 14.73 -31.56
C LEU A 6 -14.80 15.39 -30.57
N PHE A 7 -13.56 15.70 -31.01
CA PHE A 7 -12.51 16.31 -30.20
C PHE A 7 -11.81 17.46 -30.92
N SER A 8 -11.16 18.34 -30.17
CA SER A 8 -10.39 19.42 -30.77
C SER A 8 -9.06 18.87 -31.25
N PRO A 9 -8.59 19.32 -32.42
CA PRO A 9 -7.30 18.83 -32.91
C PRO A 9 -6.15 19.13 -31.97
N HIS A 10 -5.25 18.16 -31.78
CA HIS A 10 -4.07 18.30 -30.92
C HIS A 10 -3.06 19.25 -31.55
N LEU A 11 -2.18 19.83 -30.73
CA LEU A 11 -1.16 20.74 -31.23
C LEU A 11 0.16 20.01 -31.48
N ALA A 12 1.02 20.58 -32.32
CA ALA A 12 2.33 19.99 -32.59
C ALA A 12 3.33 20.43 -31.52
N GLU A 13 4.39 19.62 -31.27
CA GLU A 13 5.44 19.96 -30.31
C GLU A 13 6.03 21.37 -30.55
N SER A 14 5.87 21.88 -31.80
CA SER A 14 6.26 23.22 -32.25
C SER A 14 5.70 24.29 -31.29
N ALA A 15 4.36 24.30 -31.07
CA ALA A 15 3.71 25.25 -30.17
C ALA A 15 3.47 24.68 -28.77
N LEU A 16 3.41 23.34 -28.64
CA LEU A 16 3.20 22.70 -27.35
C LEU A 16 4.38 22.98 -26.43
N ASP A 17 5.61 22.65 -26.85
CA ASP A 17 6.83 22.81 -26.05
C ASP A 17 7.18 24.27 -25.80
N LEU A 18 6.84 25.16 -26.74
CA LEU A 18 7.10 26.58 -26.55
C LEU A 18 6.13 27.15 -25.52
N GLY A 19 4.84 26.85 -25.68
CA GLY A 19 3.79 27.30 -24.79
C GLY A 19 3.97 26.93 -23.33
N VAL A 20 4.53 25.75 -23.05
CA VAL A 20 4.77 25.28 -21.68
C VAL A 20 5.77 26.17 -20.98
N GLN A 21 6.94 26.41 -21.62
CA GLN A 21 7.93 27.29 -21.02
C GLN A 21 7.52 28.77 -21.09
N ASN A 22 6.68 29.12 -22.08
CA ASN A 22 6.10 30.45 -22.24
C ASN A 22 5.12 30.76 -21.08
N GLY A 23 4.45 29.72 -20.56
CA GLY A 23 3.47 29.85 -19.51
C GLY A 23 2.03 29.85 -20.00
N THR A 24 1.82 29.94 -21.35
CA THR A 24 0.48 29.93 -21.96
C THR A 24 -0.24 28.55 -21.88
N TYR A 25 0.50 27.50 -21.50
CA TYR A 25 0.03 26.15 -21.27
C TYR A 25 0.77 25.60 -20.05
N LEU A 26 0.14 24.71 -19.29
CA LEU A 26 0.76 24.10 -18.12
C LEU A 26 1.01 22.63 -18.40
N ARG A 27 2.12 22.07 -17.89
CA ARG A 27 2.43 20.66 -18.16
C ARG A 27 2.50 19.82 -16.91
N GLY A 28 1.94 18.63 -17.01
CA GLY A 28 1.94 17.66 -15.91
C GLY A 28 1.55 16.26 -16.35
N LYS A 29 1.67 15.29 -15.44
CA LYS A 29 1.32 13.88 -15.66
C LYS A 29 -0.15 13.65 -15.31
N LEU A 30 -0.90 13.00 -16.19
CA LEU A 30 -2.33 12.76 -16.02
C LEU A 30 -2.67 11.70 -14.96
N ARG A 31 -3.49 12.07 -13.98
CA ARG A 31 -4.00 11.18 -12.96
C ARG A 31 -5.51 11.06 -13.19
N VAL A 32 -6.01 9.86 -13.46
CA VAL A 32 -7.43 9.64 -13.74
C VAL A 32 -8.11 9.01 -12.54
N SER A 33 -9.38 9.37 -12.29
CA SER A 33 -10.12 8.82 -11.17
C SER A 33 -10.36 7.32 -11.29
N GLU A 34 -10.05 6.60 -10.21
CA GLU A 34 -10.27 5.16 -10.08
C GLU A 34 -11.78 4.84 -10.17
N THR A 35 -12.66 5.77 -9.73
CA THR A 35 -14.11 5.64 -9.82
C THR A 35 -14.58 6.07 -11.24
N ASN A 36 -14.38 7.37 -11.63
CA ASN A 36 -14.77 7.87 -12.97
C ASN A 36 -13.64 7.85 -14.01
N CYS A 37 -13.86 7.14 -15.11
CA CYS A 37 -12.93 6.98 -16.22
C CYS A 37 -12.65 8.30 -16.99
N PHE A 38 -13.65 9.18 -17.08
CA PHE A 38 -13.50 10.44 -17.79
C PHE A 38 -13.49 11.64 -16.85
N PHE A 39 -12.59 11.62 -15.88
CA PHE A 39 -12.41 12.70 -14.95
C PHE A 39 -10.98 12.59 -14.47
N GLY A 40 -10.18 13.59 -14.76
CA GLY A 40 -8.78 13.57 -14.36
C GLY A 40 -8.28 14.86 -13.71
N GLU A 41 -6.96 14.99 -13.63
CA GLU A 41 -6.30 16.15 -13.09
C GLU A 41 -4.79 16.07 -13.32
N ILE A 42 -4.12 17.23 -13.35
CA ILE A 42 -2.66 17.27 -13.39
C ILE A 42 -2.20 18.00 -12.11
N ARG A 43 -1.37 17.35 -11.30
CA ARG A 43 -0.83 18.00 -10.09
C ARG A 43 0.56 18.52 -10.43
N GLY A 44 0.94 19.65 -9.84
CA GLY A 44 2.25 20.25 -10.09
C GLY A 44 2.49 21.58 -9.43
N GLN A 45 3.49 22.32 -9.93
CA GLN A 45 3.90 23.63 -9.43
C GLN A 45 4.25 24.55 -10.60
N TRP A 46 3.33 25.41 -11.01
CA TRP A 46 3.55 26.30 -12.15
C TRP A 46 3.95 27.72 -11.76
N LYS A 47 4.64 28.44 -12.66
CA LYS A 47 5.06 29.81 -12.37
C LYS A 47 3.91 30.78 -12.65
N GLY A 48 3.64 31.66 -11.70
CA GLY A 48 2.57 32.65 -11.79
C GLY A 48 1.20 32.13 -11.41
N HIS A 49 1.17 30.96 -10.73
CA HIS A 49 -0.06 30.28 -10.35
C HIS A 49 -0.01 29.85 -8.88
N ASN A 50 -1.06 30.16 -8.12
CA ASN A 50 -1.12 29.83 -6.70
C ASN A 50 -1.51 28.37 -6.42
N PHE A 51 -2.25 27.76 -7.34
CA PHE A 51 -2.79 26.40 -7.21
C PHE A 51 -1.82 25.25 -7.44
N GLU A 52 -2.05 24.14 -6.73
CA GLU A 52 -1.22 22.94 -6.85
C GLU A 52 -1.76 21.92 -7.88
N ARG A 53 -3.04 22.04 -8.31
CA ARG A 53 -3.60 21.11 -9.26
C ARG A 53 -4.68 21.71 -10.17
N VAL A 54 -4.77 21.20 -11.41
CA VAL A 54 -5.74 21.59 -12.42
C VAL A 54 -6.65 20.40 -12.73
N LEU A 55 -7.99 20.60 -12.75
CA LEU A 55 -8.91 19.51 -13.08
C LEU A 55 -9.09 19.39 -14.57
N LEU A 56 -9.32 18.17 -15.03
CA LEU A 56 -9.60 17.89 -16.41
C LEU A 56 -10.86 17.06 -16.46
N PRO A 57 -12.04 17.70 -16.38
CA PRO A 57 -13.30 16.95 -16.31
C PRO A 57 -14.03 16.71 -17.64
N GLY A 58 -14.25 15.45 -17.99
CA GLY A 58 -14.99 15.11 -19.20
C GLY A 58 -14.14 14.51 -20.30
N ARG A 59 -14.78 13.97 -21.35
CA ARG A 59 -14.01 13.38 -22.45
C ARG A 59 -13.37 14.47 -23.31
N THR A 60 -14.11 15.56 -23.54
CA THR A 60 -13.66 16.72 -24.34
C THR A 60 -12.51 17.44 -23.65
N ASN A 61 -12.53 17.51 -22.32
CA ASN A 61 -11.48 18.17 -21.59
C ASN A 61 -10.23 17.28 -21.57
N LEU A 62 -10.40 15.97 -21.35
CA LEU A 62 -9.26 15.03 -21.36
C LEU A 62 -8.66 14.80 -22.77
N ASN A 63 -9.36 15.24 -23.82
CA ASN A 63 -8.93 15.15 -25.21
C ASN A 63 -8.06 13.90 -25.58
N ARG A 64 -8.62 12.68 -25.38
CA ARG A 64 -7.99 11.40 -25.75
C ARG A 64 -6.72 11.02 -24.99
N ALA A 65 -6.40 11.71 -23.90
CA ALA A 65 -5.21 11.36 -23.11
C ALA A 65 -5.52 10.19 -22.19
N ILE A 66 -4.53 9.35 -21.93
CA ILE A 66 -4.70 8.17 -21.06
C ILE A 66 -3.98 8.38 -19.69
N HIS A 67 -4.38 7.67 -18.62
CA HIS A 67 -3.72 7.73 -17.32
C HIS A 67 -2.19 7.55 -17.45
N GLY A 68 -1.43 8.38 -16.76
CA GLY A 68 0.02 8.35 -16.82
C GLY A 68 0.65 9.20 -17.91
N ASP A 69 -0.14 9.63 -18.91
CA ASP A 69 0.41 10.43 -20.01
C ASP A 69 0.89 11.81 -19.58
N ILE A 70 1.91 12.35 -20.27
CA ILE A 70 2.39 13.70 -19.97
C ILE A 70 1.66 14.67 -20.87
N VAL A 71 0.59 15.26 -20.34
CA VAL A 71 -0.23 16.16 -21.12
C VAL A 71 0.14 17.61 -20.92
N THR A 72 -0.23 18.41 -21.91
CA THR A 72 -0.06 19.85 -21.92
C THR A 72 -1.51 20.36 -21.81
N VAL A 73 -1.77 21.26 -20.86
CA VAL A 73 -3.13 21.74 -20.63
C VAL A 73 -3.27 23.24 -20.84
N GLU A 74 -4.44 23.67 -21.30
CA GLU A 74 -4.75 25.07 -21.47
C GLU A 74 -5.84 25.40 -20.44
N LEU A 75 -5.59 26.37 -19.56
CA LEU A 75 -6.55 26.73 -18.54
C LEU A 75 -7.82 27.31 -19.14
N LEU A 76 -8.96 26.83 -18.64
CA LEU A 76 -10.25 27.36 -19.03
C LEU A 76 -10.41 28.74 -18.40
N PRO A 77 -11.22 29.66 -18.97
CA PRO A 77 -11.42 30.97 -18.31
C PRO A 77 -11.89 30.80 -16.87
N VAL A 78 -11.44 31.65 -15.92
CA VAL A 78 -11.77 31.45 -14.51
C VAL A 78 -13.30 31.39 -14.27
N ALA A 79 -14.12 31.92 -15.19
CA ALA A 79 -15.58 31.82 -15.08
C ALA A 79 -16.04 30.35 -15.11
N SER A 80 -15.34 29.50 -15.86
CA SER A 80 -15.64 28.07 -15.99
C SER A 80 -14.95 27.20 -14.90
N TRP A 81 -14.40 27.79 -13.83
CA TRP A 81 -13.73 26.99 -12.80
C TRP A 81 -14.73 26.35 -11.85
N ARG A 82 -14.36 25.19 -11.29
CA ARG A 82 -15.25 24.40 -10.45
C ARG A 82 -15.21 24.87 -8.99
N PRO A 83 -16.34 25.40 -8.48
CA PRO A 83 -16.37 25.88 -7.09
C PRO A 83 -16.38 24.76 -6.03
N LEU A 84 -16.36 25.14 -4.74
CA LEU A 84 -16.35 24.19 -3.63
C LEU A 84 -17.48 23.12 -3.68
N ARG A 85 -18.74 23.54 -3.88
CA ARG A 85 -19.87 22.61 -3.93
C ARG A 85 -20.95 23.15 -4.87
N GLU A 113 -15.52 37.05 -16.38
CA GLU A 113 -14.12 37.51 -16.20
C GLU A 113 -13.79 37.97 -14.76
N GLU A 114 -13.10 37.10 -14.03
CA GLU A 114 -12.63 37.35 -12.68
C GLU A 114 -11.12 36.99 -12.65
N SER A 115 -10.42 37.46 -11.61
CA SER A 115 -9.02 37.11 -11.42
C SER A 115 -8.97 35.69 -10.93
N GLU A 116 -7.87 35.02 -11.22
CA GLU A 116 -7.63 33.66 -10.74
C GLU A 116 -7.54 33.66 -9.20
N GLY A 117 -6.96 34.72 -8.61
CA GLY A 117 -6.76 34.88 -7.17
C GLY A 117 -8.06 35.13 -6.41
N ALA A 118 -8.98 35.85 -7.05
CA ALA A 118 -10.33 36.12 -6.55
C ALA A 118 -11.09 34.79 -6.50
N ALA A 119 -10.96 33.94 -7.56
CA ALA A 119 -11.59 32.64 -7.69
C ALA A 119 -11.00 31.68 -6.68
N LEU A 120 -9.67 31.63 -6.51
CA LEU A 120 -9.04 30.74 -5.53
C LEU A 120 -9.36 31.15 -4.08
N ALA A 121 -9.63 32.45 -3.83
CA ALA A 121 -9.99 32.91 -2.49
C ALA A 121 -11.41 32.46 -2.13
N ARG A 122 -12.29 32.29 -3.12
CA ARG A 122 -13.65 31.81 -2.88
C ARG A 122 -13.73 30.28 -3.05
N GLY A 123 -12.63 29.58 -2.73
CA GLY A 123 -12.54 28.13 -2.80
C GLY A 123 -12.73 27.42 -4.14
N TYR A 124 -12.45 28.09 -5.28
CA TYR A 124 -12.59 27.43 -6.60
C TYR A 124 -11.38 26.55 -6.91
N THR A 125 -11.56 25.59 -7.86
CA THR A 125 -10.52 24.70 -8.35
C THR A 125 -10.34 24.91 -9.85
N PRO A 126 -9.09 25.18 -10.28
CA PRO A 126 -8.84 25.44 -11.70
C PRO A 126 -9.28 24.33 -12.61
N VAL A 127 -9.74 24.68 -13.80
CA VAL A 127 -10.18 23.70 -14.79
C VAL A 127 -9.42 23.92 -16.11
N GLY A 128 -9.09 22.84 -16.81
CA GLY A 128 -8.39 22.94 -18.08
C GLY A 128 -8.76 21.92 -19.13
N ARG A 129 -8.29 22.15 -20.37
CA ARG A 129 -8.48 21.24 -21.50
C ARG A 129 -7.12 20.79 -22.05
N VAL A 130 -6.94 19.47 -22.23
CA VAL A 130 -5.70 18.87 -22.75
C VAL A 130 -5.56 19.28 -24.20
N VAL A 131 -4.47 19.98 -24.54
CA VAL A 131 -4.18 20.46 -25.89
C VAL A 131 -3.09 19.65 -26.63
N GLY A 132 -2.41 18.75 -25.92
CA GLY A 132 -1.38 17.92 -26.53
C GLY A 132 -0.87 16.82 -25.63
N ILE A 133 -0.13 15.87 -26.22
CA ILE A 133 0.43 14.76 -25.45
C ILE A 133 1.94 14.55 -25.75
N THR A 134 2.68 14.05 -24.75
CA THR A 134 4.11 13.72 -24.86
C THR A 134 4.26 12.19 -24.97
N THR A 135 4.72 11.72 -26.14
CA THR A 135 4.91 10.31 -26.50
C THR A 135 5.62 9.51 -25.39
N MET A 136 5.10 8.33 -25.06
CA MET A 136 5.68 7.49 -24.00
C MET A 136 5.54 6.00 -24.36
N ASN A 137 6.21 5.13 -23.58
CA ASN A 137 6.12 3.68 -23.75
C ASN A 137 4.87 3.11 -23.02
N ARG A 138 3.69 3.79 -23.19
CA ARG A 138 2.39 3.44 -22.61
C ARG A 138 2.14 1.95 -22.60
N ARG A 139 2.10 1.38 -21.40
CA ARG A 139 2.02 -0.06 -21.18
C ARG A 139 0.86 -0.79 -21.84
N PRO A 140 1.02 -2.08 -22.18
CA PRO A 140 -0.13 -2.87 -22.61
C PRO A 140 -1.09 -3.06 -21.42
N PHE A 141 -2.39 -3.14 -21.69
CA PHE A 141 -3.38 -3.28 -20.61
C PHE A 141 -3.98 -4.65 -20.59
N CYS A 142 -4.08 -5.25 -19.41
CA CYS A 142 -4.68 -6.58 -19.25
C CYS A 142 -6.20 -6.43 -19.20
N GLY A 143 -6.92 -7.43 -19.66
CA GLY A 143 -8.38 -7.40 -19.57
C GLY A 143 -9.09 -8.45 -20.37
N SER A 144 -10.37 -8.20 -20.62
CA SER A 144 -11.22 -9.11 -21.38
C SER A 144 -12.03 -8.33 -22.41
N ILE A 145 -12.59 -9.04 -23.41
CA ILE A 145 -13.49 -8.39 -24.37
C ILE A 145 -14.79 -8.05 -23.60
N ASP A 146 -15.25 -6.78 -23.72
CA ASP A 146 -16.46 -6.25 -23.10
C ASP A 146 -17.66 -7.18 -23.37
N VAL A 147 -18.17 -7.81 -22.32
CA VAL A 147 -19.26 -8.79 -22.30
C VAL A 147 -20.49 -8.32 -23.08
N GLU A 148 -20.76 -7.00 -23.09
CA GLU A 148 -21.88 -6.40 -23.83
C GLU A 148 -21.77 -6.74 -25.32
N GLU A 149 -20.54 -6.69 -25.87
CA GLU A 149 -20.28 -7.00 -27.26
C GLU A 149 -20.51 -8.48 -27.57
N LEU A 150 -20.18 -9.36 -26.62
CA LEU A 150 -20.38 -10.81 -26.77
C LEU A 150 -21.88 -11.14 -26.76
N ASN A 151 -22.67 -10.44 -25.93
CA ASN A 151 -24.12 -10.66 -25.86
C ASN A 151 -24.82 -10.02 -27.07
N LYS A 152 -24.29 -8.88 -27.58
CA LYS A 152 -24.83 -8.24 -28.78
C LYS A 152 -24.50 -9.04 -30.08
N LEU A 153 -23.71 -10.12 -29.98
CA LEU A 153 -23.36 -10.95 -31.14
C LEU A 153 -23.72 -12.43 -30.90
N ALA A 154 -24.02 -13.16 -31.97
CA ALA A 154 -24.36 -14.59 -31.93
C ALA A 154 -24.17 -15.23 -33.31
N LEU A 160 -18.95 -17.45 -36.57
CA LEU A 160 -18.77 -16.11 -37.13
C LEU A 160 -17.69 -16.10 -38.22
N THR A 161 -17.98 -15.43 -39.35
CA THR A 161 -17.07 -15.38 -40.49
C THR A 161 -16.35 -14.02 -40.62
N GLY A 162 -15.09 -14.07 -41.04
CA GLY A 162 -14.28 -12.87 -41.27
C GLY A 162 -13.71 -12.14 -40.06
N THR A 163 -13.19 -10.92 -40.30
CA THR A 163 -12.59 -10.09 -39.25
C THR A 163 -13.64 -9.13 -38.70
N VAL A 164 -13.71 -8.99 -37.37
CA VAL A 164 -14.69 -8.11 -36.74
C VAL A 164 -14.04 -7.19 -35.68
N SER A 165 -14.42 -5.90 -35.66
CA SER A 165 -13.87 -4.96 -34.70
C SER A 165 -14.78 -4.94 -33.48
N VAL A 166 -14.22 -5.14 -32.30
CA VAL A 166 -14.98 -5.24 -31.09
C VAL A 166 -14.34 -4.40 -29.94
N LEU A 167 -15.07 -4.19 -28.83
CA LEU A 167 -14.55 -3.39 -27.68
C LEU A 167 -13.92 -4.23 -26.55
N PHE A 168 -12.70 -3.84 -26.15
CA PHE A 168 -11.89 -4.51 -25.12
C PHE A 168 -12.00 -3.72 -23.83
N GLN A 169 -12.24 -4.39 -22.71
CA GLN A 169 -12.36 -3.72 -21.42
C GLN A 169 -11.13 -3.95 -20.54
N PRO A 170 -10.27 -2.92 -20.43
CA PRO A 170 -9.10 -3.04 -19.57
C PRO A 170 -9.50 -3.22 -18.12
N LYS A 171 -8.83 -4.11 -17.36
CA LYS A 171 -9.08 -4.34 -15.94
C LYS A 171 -8.91 -3.05 -15.14
N ASP A 172 -7.99 -2.19 -15.58
CA ASP A 172 -7.81 -0.90 -14.95
C ASP A 172 -8.99 -0.04 -15.35
N ASN A 173 -9.80 0.40 -14.37
CA ASN A 173 -10.99 1.21 -14.71
C ASN A 173 -10.69 2.67 -15.02
N ARG A 174 -9.46 3.11 -14.76
CA ARG A 174 -9.04 4.44 -15.13
C ARG A 174 -8.84 4.56 -16.65
N ILE A 175 -8.77 3.41 -17.38
CA ILE A 175 -8.50 3.30 -18.80
C ILE A 175 -9.80 3.03 -19.55
N PRO A 176 -10.07 3.81 -20.60
CA PRO A 176 -11.30 3.57 -21.37
C PRO A 176 -11.24 2.27 -22.16
N ARG A 177 -12.40 1.84 -22.68
CA ARG A 177 -12.47 0.66 -23.51
C ARG A 177 -11.76 0.96 -24.83
N ILE A 178 -10.98 -0.02 -25.32
CA ILE A 178 -10.21 0.13 -26.57
C ILE A 178 -10.85 -0.74 -27.66
N ARG A 179 -10.97 -0.22 -28.88
CA ARG A 179 -11.50 -1.01 -29.99
C ARG A 179 -10.42 -1.81 -30.69
N ILE A 180 -10.47 -3.15 -30.57
CA ILE A 180 -9.55 -4.09 -31.20
C ILE A 180 -10.25 -4.86 -32.37
N THR A 181 -9.50 -5.47 -33.28
CA THR A 181 -10.08 -6.16 -34.42
C THR A 181 -9.48 -7.52 -34.66
N THR A 182 -10.29 -8.58 -34.51
CA THR A 182 -9.83 -9.95 -34.71
C THR A 182 -10.74 -10.77 -35.61
N ALA A 183 -10.16 -11.75 -36.31
CA ALA A 183 -10.94 -12.68 -37.14
C ALA A 183 -11.20 -14.01 -36.40
N HIS A 184 -10.91 -14.06 -35.06
CA HIS A 184 -11.05 -15.24 -34.21
C HIS A 184 -11.65 -14.83 -32.87
N LEU A 185 -12.78 -14.13 -32.90
CA LEU A 185 -13.45 -13.69 -31.67
C LEU A 185 -13.81 -14.85 -30.75
N GLY A 186 -14.18 -15.97 -31.33
CA GLY A 186 -14.55 -17.17 -30.60
C GLY A 186 -13.46 -17.69 -29.71
N ASP A 187 -12.22 -17.82 -30.26
CA ASP A 187 -11.04 -18.27 -29.50
C ASP A 187 -10.55 -17.24 -28.47
N LEU A 188 -11.11 -16.03 -28.46
CA LEU A 188 -10.68 -14.95 -27.57
C LEU A 188 -11.71 -14.60 -26.49
N LYS A 189 -12.98 -14.96 -26.70
CA LYS A 189 -14.12 -14.72 -25.82
C LYS A 189 -13.81 -14.92 -24.33
N ASP A 190 -13.26 -16.08 -24.00
CA ASP A 190 -12.99 -16.46 -22.63
C ASP A 190 -11.57 -16.16 -22.17
N LYS A 191 -10.83 -15.34 -22.92
CA LYS A 191 -9.42 -15.04 -22.63
C LYS A 191 -9.12 -13.70 -22.00
N ARG A 192 -8.04 -13.68 -21.18
CA ARG A 192 -7.41 -12.49 -20.65
C ARG A 192 -6.35 -12.16 -21.72
N LEU A 193 -6.37 -10.92 -22.21
CA LEU A 193 -5.45 -10.43 -23.24
C LEU A 193 -4.70 -9.20 -22.74
N SER A 194 -3.57 -8.87 -23.36
CA SER A 194 -2.82 -7.63 -23.13
C SER A 194 -3.07 -6.77 -24.42
N VAL A 195 -3.57 -5.52 -24.30
CA VAL A 195 -3.85 -4.70 -25.50
C VAL A 195 -3.04 -3.39 -25.53
N ILE A 196 -2.43 -3.03 -26.68
CA ILE A 196 -1.76 -1.75 -26.78
C ILE A 196 -2.61 -0.79 -27.60
N ILE A 197 -2.80 0.46 -27.12
CA ILE A 197 -3.53 1.51 -27.81
C ILE A 197 -2.64 2.02 -28.91
N ASP A 198 -3.17 2.14 -30.12
CA ASP A 198 -2.40 2.61 -31.24
C ASP A 198 -2.71 4.04 -31.59
N ASP A 199 -3.94 4.49 -31.36
CA ASP A 199 -4.35 5.85 -31.73
C ASP A 199 -5.77 6.12 -31.23
N TRP A 200 -6.21 7.37 -31.35
CA TRP A 200 -7.56 7.78 -31.01
C TRP A 200 -7.85 8.96 -31.92
N GLY A 201 -8.57 8.72 -33.00
CA GLY A 201 -8.87 9.77 -33.97
C GLY A 201 -9.79 10.84 -33.43
N GLU A 202 -9.81 12.03 -34.09
CA GLU A 202 -10.63 13.17 -33.68
C GLU A 202 -12.14 12.90 -33.66
N HIS A 203 -12.58 11.84 -34.33
CA HIS A 203 -14.00 11.53 -34.42
C HIS A 203 -14.38 10.25 -33.68
N SER A 204 -13.43 9.46 -33.15
CA SER A 204 -13.77 8.20 -32.49
C SER A 204 -14.10 8.38 -31.00
N SER A 205 -15.26 7.87 -30.53
CA SER A 205 -15.57 7.95 -29.09
C SER A 205 -14.65 7.03 -28.21
N PHE A 206 -13.87 6.14 -28.84
CA PHE A 206 -12.94 5.25 -28.13
C PHE A 206 -11.63 5.14 -28.90
N PRO A 207 -10.49 4.85 -28.24
CA PRO A 207 -9.25 4.68 -28.99
C PRO A 207 -9.23 3.30 -29.66
N VAL A 208 -8.41 3.18 -30.69
CA VAL A 208 -8.19 1.91 -31.37
C VAL A 208 -6.88 1.36 -30.82
N GLY A 209 -6.73 0.06 -30.93
CA GLY A 209 -5.55 -0.66 -30.46
C GLY A 209 -5.60 -2.11 -30.89
N HIS A 210 -4.66 -2.94 -30.40
CA HIS A 210 -4.63 -4.35 -30.77
C HIS A 210 -4.07 -5.22 -29.68
N TYR A 211 -4.43 -6.50 -29.62
CA TYR A 211 -3.88 -7.37 -28.58
C TYR A 211 -2.49 -7.87 -28.97
N VAL A 212 -1.56 -7.80 -28.02
CA VAL A 212 -0.18 -8.20 -28.16
C VAL A 212 0.14 -9.57 -27.50
N GLU A 213 -0.74 -10.09 -26.61
CA GLU A 213 -0.53 -11.37 -25.93
C GLU A 213 -1.82 -11.96 -25.31
N VAL A 214 -2.00 -13.28 -25.41
CA VAL A 214 -3.11 -14.00 -24.78
C VAL A 214 -2.47 -14.53 -23.53
N LEU A 215 -2.86 -14.00 -22.37
CA LEU A 215 -2.29 -14.40 -21.07
C LEU A 215 -2.91 -15.67 -20.46
N GLY A 216 -4.09 -16.06 -20.90
CA GLY A 216 -4.75 -17.25 -20.39
C GLY A 216 -6.26 -17.12 -20.34
N THR A 217 -6.95 -18.02 -19.61
CA THR A 217 -8.41 -17.97 -19.51
C THR A 217 -8.83 -17.11 -18.33
N ILE A 218 -9.94 -16.35 -18.49
CA ILE A 218 -10.52 -15.54 -17.42
C ILE A 218 -10.96 -16.51 -16.28
N GLY A 219 -10.69 -16.15 -15.04
CA GLY A 219 -11.06 -16.97 -13.91
C GLY A 219 -9.99 -17.95 -13.45
N ASP A 220 -9.03 -18.27 -14.33
CA ASP A 220 -7.91 -19.14 -14.02
C ASP A 220 -7.06 -18.46 -12.92
N LYS A 221 -6.70 -19.19 -11.86
CA LYS A 221 -5.94 -18.62 -10.75
C LYS A 221 -4.60 -18.07 -11.20
N ASP A 222 -3.86 -18.80 -12.00
CA ASP A 222 -2.54 -18.39 -12.45
C ASP A 222 -2.60 -17.20 -13.43
N THR A 223 -3.65 -17.15 -14.27
CA THR A 223 -3.87 -16.07 -15.22
C THR A 223 -4.28 -14.82 -14.49
N GLU A 224 -5.18 -14.94 -13.50
CA GLU A 224 -5.61 -13.78 -12.73
C GLU A 224 -4.48 -13.22 -11.88
N ALA A 225 -3.53 -14.08 -11.46
CA ALA A 225 -2.38 -13.60 -10.70
C ALA A 225 -1.43 -12.94 -11.67
N LYS A 226 -1.21 -13.50 -12.88
CA LYS A 226 -0.38 -12.85 -13.89
C LYS A 226 -0.96 -11.46 -14.26
N VAL A 227 -2.30 -11.33 -14.30
CA VAL A 227 -2.96 -10.06 -14.58
C VAL A 227 -2.57 -9.03 -13.51
N ILE A 228 -2.68 -9.41 -12.25
CA ILE A 228 -2.36 -8.53 -11.14
C ILE A 228 -0.87 -8.13 -11.17
N LEU A 229 0.02 -9.10 -11.39
CA LEU A 229 1.46 -8.85 -11.46
C LEU A 229 1.80 -7.90 -12.59
N LEU A 230 1.19 -8.08 -13.79
CA LEU A 230 1.39 -7.21 -14.96
C LEU A 230 0.80 -5.80 -14.80
N GLU A 231 -0.44 -5.70 -14.28
CA GLU A 231 -1.13 -4.42 -14.05
C GLU A 231 -0.42 -3.54 -13.09
N ASN A 232 0.20 -4.13 -12.06
CA ASN A 232 0.95 -3.34 -11.09
C ASN A 232 2.46 -3.32 -11.36
N ASP A 233 2.89 -3.71 -12.60
CA ASP A 233 4.28 -3.63 -13.02
C ASP A 233 5.23 -4.30 -12.03
N ILE A 234 4.87 -5.50 -11.54
CA ILE A 234 5.70 -6.20 -10.55
C ILE A 234 6.71 -7.05 -11.26
N PRO A 235 8.02 -6.83 -11.05
CA PRO A 235 9.03 -7.74 -11.62
C PRO A 235 8.89 -9.11 -10.89
N HIS A 236 8.58 -10.19 -11.64
CA HIS A 236 8.31 -11.49 -11.02
C HIS A 236 8.90 -12.70 -11.73
N TYR A 237 9.91 -12.47 -12.50
CA TYR A 237 10.66 -13.52 -13.19
C TYR A 237 11.54 -14.21 -12.14
N ASP A 238 12.09 -15.40 -12.44
CA ASP A 238 13.03 -16.02 -11.50
C ASP A 238 14.33 -15.17 -11.47
N PHE A 239 15.09 -15.29 -10.37
CA PHE A 239 16.37 -14.60 -10.25
C PHE A 239 17.35 -15.17 -11.28
N SER A 240 18.20 -14.32 -11.82
CA SER A 240 19.20 -14.70 -12.82
C SER A 240 20.32 -15.58 -12.24
N GLU A 241 21.18 -16.15 -13.09
CA GLU A 241 22.31 -16.94 -12.60
C GLU A 241 23.29 -16.01 -11.83
N ALA A 242 23.35 -14.70 -12.21
CA ALA A 242 24.21 -13.70 -11.60
C ALA A 242 23.80 -13.46 -10.15
N VAL A 243 22.47 -13.45 -9.90
CA VAL A 243 21.89 -13.29 -8.59
C VAL A 243 22.20 -14.51 -7.74
N TYR A 244 21.89 -15.73 -8.24
CA TYR A 244 22.17 -16.94 -7.48
C TYR A 244 23.65 -17.12 -7.19
N ASP A 245 24.53 -16.56 -8.03
CA ASP A 245 25.98 -16.63 -7.79
C ASP A 245 26.44 -15.83 -6.59
N CYS A 246 25.62 -14.85 -6.14
CA CYS A 246 25.93 -14.00 -4.98
C CYS A 246 25.65 -14.67 -3.61
N LEU A 247 24.93 -15.80 -3.61
CA LEU A 247 24.59 -16.54 -2.41
C LEU A 247 25.82 -17.29 -1.89
N PRO A 248 25.86 -17.66 -0.60
CA PRO A 248 27.00 -18.47 -0.14
C PRO A 248 26.91 -19.86 -0.76
N LYS A 249 28.04 -20.37 -1.24
CA LYS A 249 28.11 -21.73 -1.79
C LYS A 249 28.47 -22.65 -0.62
N GLY A 250 28.03 -23.91 -0.68
CA GLY A 250 28.37 -24.89 0.34
C GLY A 250 27.61 -24.83 1.66
N GLU A 251 27.99 -25.69 2.59
CA GLU A 251 27.36 -25.78 3.89
C GLU A 251 27.65 -24.50 4.67
N TRP A 252 26.58 -23.76 5.00
CA TRP A 252 26.75 -22.51 5.69
C TRP A 252 26.85 -22.68 7.19
N ASN A 253 27.77 -21.93 7.78
CA ASN A 253 27.98 -21.96 9.22
C ASN A 253 28.48 -20.63 9.74
N VAL A 254 28.29 -20.39 11.04
CA VAL A 254 28.81 -19.19 11.67
C VAL A 254 30.35 -19.38 11.80
N THR A 255 31.13 -18.37 11.41
CA THR A 255 32.58 -18.47 11.44
C THR A 255 33.19 -17.87 12.69
N GLU A 256 34.39 -18.33 13.05
CA GLU A 256 35.11 -17.80 14.20
C GLU A 256 35.57 -16.37 13.95
N GLU A 257 35.82 -16.00 12.68
CA GLU A 257 36.19 -14.65 12.31
C GLU A 257 35.02 -13.71 12.61
N GLU A 258 33.80 -14.09 12.20
CA GLU A 258 32.61 -13.27 12.43
C GLU A 258 32.23 -13.24 13.88
N LEU A 259 32.40 -14.36 14.61
CA LEU A 259 32.09 -14.42 16.03
C LEU A 259 33.00 -13.47 16.84
N GLY A 260 34.23 -13.28 16.40
CA GLY A 260 35.14 -12.34 17.05
C GLY A 260 34.89 -10.88 16.69
N ASN A 261 33.79 -10.61 16.00
CA ASN A 261 33.33 -9.29 15.60
C ASN A 261 31.90 -9.03 16.06
N ARG A 262 31.29 -9.99 16.80
CA ARG A 262 29.93 -9.93 17.27
C ARG A 262 29.78 -10.16 18.77
N LEU A 263 28.72 -9.60 19.31
CA LEU A 263 28.34 -9.83 20.66
C LEU A 263 27.59 -11.18 20.58
N ASP A 264 28.13 -12.24 21.22
CA ASP A 264 27.52 -13.59 21.19
C ASP A 264 26.37 -13.71 22.18
N LEU A 265 25.14 -13.67 21.69
CA LEU A 265 23.96 -13.75 22.54
C LEU A 265 23.25 -15.11 22.52
N ARG A 266 23.96 -16.16 22.10
CA ARG A 266 23.36 -17.48 21.97
C ARG A 266 22.95 -18.14 23.27
N ASP A 267 23.41 -17.65 24.40
CA ASP A 267 23.03 -18.21 25.70
C ASP A 267 21.70 -17.61 26.23
N LEU A 268 21.24 -16.51 25.61
CA LEU A 268 20.03 -15.79 25.93
C LEU A 268 18.79 -16.44 25.32
N CYS A 269 17.68 -16.41 26.04
CA CYS A 269 16.43 -16.97 25.53
C CYS A 269 15.77 -16.01 24.52
N VAL A 270 16.06 -16.20 23.24
CA VAL A 270 15.50 -15.35 22.20
C VAL A 270 14.33 -16.06 21.53
N VAL A 271 13.20 -15.37 21.29
CA VAL A 271 12.07 -15.99 20.58
C VAL A 271 11.56 -15.09 19.45
N SER A 272 10.86 -15.65 18.46
CA SER A 272 10.22 -14.85 17.42
C SER A 272 8.69 -15.01 17.53
N VAL A 273 7.92 -14.01 17.12
CA VAL A 273 6.45 -14.10 17.18
C VAL A 273 5.92 -13.61 15.82
N ASP A 274 5.34 -14.49 15.01
CA ASP A 274 4.90 -14.13 13.66
C ASP A 274 3.53 -14.75 13.28
N PRO A 275 2.92 -14.38 12.13
CA PRO A 275 1.68 -15.06 11.70
C PRO A 275 1.92 -16.56 11.41
N LEU A 276 0.84 -17.32 11.21
CA LEU A 276 0.97 -18.73 10.91
C LEU A 276 1.66 -18.93 9.56
N GLY A 277 2.38 -20.05 9.44
CA GLY A 277 3.06 -20.44 8.21
C GLY A 277 4.08 -19.45 7.69
N CYS A 278 4.76 -18.75 8.62
CA CYS A 278 5.78 -17.76 8.26
C CYS A 278 7.12 -18.43 8.31
N ARG A 279 7.77 -18.60 7.15
CA ARG A 279 9.12 -19.18 7.12
C ARG A 279 10.20 -18.08 7.12
N ASP A 280 9.82 -16.82 6.74
CA ASP A 280 10.72 -15.67 6.74
C ASP A 280 10.65 -14.90 8.03
N ILE A 281 11.55 -15.17 8.97
CA ILE A 281 11.59 -14.49 10.28
C ILE A 281 12.64 -13.35 10.32
N ASP A 282 12.16 -12.12 10.23
CA ASP A 282 12.98 -10.93 10.18
C ASP A 282 13.47 -10.45 11.54
N ASP A 283 12.71 -10.76 12.61
CA ASP A 283 13.08 -10.27 13.94
C ASP A 283 12.71 -11.20 15.07
N ALA A 284 13.58 -11.18 16.08
CA ALA A 284 13.44 -11.96 17.29
C ALA A 284 13.76 -11.07 18.49
N LEU A 285 13.25 -11.42 19.67
CA LEU A 285 13.38 -10.58 20.86
C LEU A 285 13.73 -11.39 22.10
N HIS A 286 14.41 -10.74 23.05
CA HIS A 286 14.69 -11.31 24.36
C HIS A 286 14.37 -10.27 25.44
N CYS A 287 14.23 -10.73 26.71
CA CYS A 287 14.01 -9.85 27.86
C CYS A 287 14.38 -10.54 29.15
N ARG A 288 15.13 -9.86 30.01
CA ARG A 288 15.56 -10.43 31.25
C ARG A 288 15.83 -9.36 32.31
N ARG A 289 15.85 -9.80 33.58
CA ARG A 289 16.17 -8.92 34.67
C ARG A 289 17.67 -8.66 34.64
N VAL A 290 18.05 -7.40 34.80
CA VAL A 290 19.43 -6.99 34.95
C VAL A 290 19.51 -5.93 36.08
N ASN A 291 20.67 -5.90 36.74
CA ASN A 291 21.04 -4.94 37.78
C ASN A 291 19.97 -4.68 38.84
N GLY A 292 19.35 -5.74 39.33
CA GLY A 292 18.34 -5.60 40.37
C GLY A 292 16.92 -5.46 39.88
N ASN A 293 16.39 -4.23 39.83
CA ASN A 293 15.01 -4.03 39.37
C ASN A 293 14.90 -3.42 37.95
N HIS A 294 15.88 -3.71 37.07
CA HIS A 294 15.86 -3.19 35.69
C HIS A 294 15.58 -4.31 34.68
N LEU A 295 15.21 -3.98 33.44
CA LEU A 295 14.98 -4.98 32.38
C LEU A 295 15.87 -4.69 31.20
N GLU A 296 16.44 -5.72 30.57
CA GLU A 296 17.21 -5.58 29.35
C GLU A 296 16.32 -6.10 28.24
N VAL A 297 16.23 -5.38 27.11
CA VAL A 297 15.49 -5.88 25.95
C VAL A 297 16.34 -5.73 24.70
N GLY A 298 16.44 -6.80 23.93
CA GLY A 298 17.11 -6.74 22.63
C GLY A 298 16.07 -6.95 21.55
N VAL A 299 16.19 -6.22 20.45
CA VAL A 299 15.38 -6.45 19.25
C VAL A 299 16.43 -6.83 18.22
N HIS A 300 16.39 -8.08 17.81
CA HIS A 300 17.40 -8.68 16.95
C HIS A 300 16.84 -8.86 15.56
N ILE A 301 17.37 -8.11 14.59
CA ILE A 301 16.91 -8.11 13.21
C ILE A 301 17.88 -8.89 12.33
N ALA A 302 17.34 -9.63 11.34
CA ALA A 302 18.12 -10.43 10.38
C ALA A 302 19.30 -9.63 9.76
N ASP A 303 20.52 -10.20 9.82
CA ASP A 303 21.69 -9.48 9.30
C ASP A 303 21.87 -9.64 7.80
N VAL A 304 20.86 -9.15 7.03
CA VAL A 304 20.79 -9.24 5.60
C VAL A 304 22.05 -8.65 4.95
N THR A 305 22.52 -7.47 5.40
CA THR A 305 23.69 -6.81 4.81
C THR A 305 25.01 -7.60 4.96
N HIS A 306 25.03 -8.66 5.78
CA HIS A 306 26.20 -9.53 5.87
C HIS A 306 26.29 -10.38 4.56
N PHE A 307 25.13 -10.79 4.01
CA PHE A 307 25.05 -11.59 2.81
C PHE A 307 24.83 -10.77 1.55
N LEU A 308 24.18 -9.61 1.68
CA LEU A 308 23.83 -8.78 0.55
C LEU A 308 24.80 -7.61 0.48
N LYS A 309 25.64 -7.57 -0.57
CA LYS A 309 26.65 -6.53 -0.74
C LYS A 309 26.31 -5.59 -1.89
N GLU A 310 26.62 -4.31 -1.73
CA GLU A 310 26.35 -3.28 -2.72
C GLU A 310 27.10 -3.53 -4.05
N GLY A 311 26.44 -3.22 -5.16
CA GLY A 311 27.06 -3.37 -6.46
C GLY A 311 27.04 -4.77 -7.05
N THR A 312 26.48 -5.77 -6.35
CA THR A 312 26.35 -7.14 -6.85
C THR A 312 25.04 -7.26 -7.66
N ALA A 313 24.85 -8.35 -8.41
CA ALA A 313 23.62 -8.57 -9.16
C ALA A 313 22.43 -8.74 -8.20
N MET A 314 22.67 -9.44 -7.06
CA MET A 314 21.65 -9.66 -6.05
C MET A 314 21.16 -8.32 -5.46
N ASP A 315 22.08 -7.39 -5.21
CA ASP A 315 21.71 -6.10 -4.67
C ASP A 315 21.02 -5.25 -5.73
N GLU A 316 21.51 -5.29 -6.97
CA GLU A 316 20.87 -4.61 -8.10
C GLU A 316 19.41 -5.07 -8.29
N GLU A 317 19.16 -6.38 -8.16
CA GLU A 317 17.81 -6.92 -8.23
C GLU A 317 16.95 -6.52 -7.04
N ALA A 318 17.48 -6.64 -5.79
CA ALA A 318 16.78 -6.27 -4.57
C ALA A 318 16.39 -4.80 -4.58
N ALA A 319 17.27 -3.95 -5.12
CA ALA A 319 17.03 -2.51 -5.24
C ALA A 319 15.88 -2.23 -6.16
N LYS A 320 15.81 -2.96 -7.30
CA LYS A 320 14.78 -2.82 -8.31
C LYS A 320 13.44 -3.25 -7.76
N ARG A 321 13.34 -4.50 -7.22
CA ARG A 321 12.10 -5.02 -6.61
C ARG A 321 11.69 -4.10 -5.46
N SER A 322 12.66 -3.71 -4.62
CA SER A 322 12.56 -2.82 -3.48
C SER A 322 11.77 -3.38 -2.33
N THR A 323 10.82 -4.28 -2.59
CA THR A 323 10.02 -4.90 -1.55
C THR A 323 9.56 -6.26 -2.03
N SER A 324 9.29 -7.15 -1.08
CA SER A 324 8.69 -8.44 -1.39
C SER A 324 7.21 -8.14 -1.62
N VAL A 325 6.58 -8.75 -2.59
CA VAL A 325 5.17 -8.53 -2.93
C VAL A 325 4.42 -9.76 -2.45
N TYR A 326 3.34 -9.56 -1.70
CA TYR A 326 2.54 -10.64 -1.10
C TYR A 326 1.13 -10.76 -1.70
N LEU A 327 0.85 -11.87 -2.34
CA LEU A 327 -0.48 -12.14 -2.93
C LEU A 327 -1.18 -13.21 -2.07
N VAL A 328 -2.46 -13.51 -2.34
CA VAL A 328 -3.17 -14.47 -1.53
C VAL A 328 -2.56 -15.88 -1.69
N ASP A 329 -2.46 -16.34 -2.93
CA ASP A 329 -1.99 -17.67 -3.32
C ASP A 329 -0.47 -17.81 -3.59
N ARG A 330 0.31 -16.71 -3.45
CA ARG A 330 1.75 -16.73 -3.74
C ARG A 330 2.48 -15.43 -3.30
N ARG A 331 3.83 -15.41 -3.40
CA ARG A 331 4.63 -14.23 -3.06
C ARG A 331 5.86 -14.08 -3.95
N ILE A 332 6.25 -12.85 -4.21
CA ILE A 332 7.40 -12.55 -5.04
C ILE A 332 8.42 -11.96 -4.10
N ASN A 333 9.39 -12.78 -3.71
CA ASN A 333 10.41 -12.35 -2.75
C ASN A 333 11.41 -11.38 -3.36
N MET A 334 11.91 -10.43 -2.56
CA MET A 334 12.92 -9.46 -2.97
C MET A 334 14.28 -10.19 -3.11
N LEU A 335 14.56 -11.10 -2.17
CA LEU A 335 15.81 -11.86 -2.15
C LEU A 335 15.58 -13.35 -2.48
N PRO A 336 16.66 -14.06 -2.91
CA PRO A 336 16.51 -15.50 -3.20
C PRO A 336 15.99 -16.30 -2.00
N GLN A 337 15.28 -17.41 -2.25
CA GLN A 337 14.70 -18.27 -1.20
C GLN A 337 15.66 -18.74 -0.12
N LEU A 338 16.90 -19.08 -0.49
CA LEU A 338 17.93 -19.56 0.44
C LEU A 338 18.16 -18.53 1.54
N LEU A 339 18.25 -17.24 1.19
CA LEU A 339 18.37 -16.18 2.18
C LEU A 339 17.04 -15.96 2.89
N THR A 340 15.98 -15.68 2.13
CA THR A 340 14.66 -15.40 2.70
C THR A 340 14.19 -16.38 3.80
N GLU A 341 14.11 -17.68 3.50
CA GLU A 341 13.57 -18.67 4.42
C GLU A 341 14.61 -19.47 5.17
N ASN A 342 15.94 -19.26 4.92
CA ASN A 342 16.93 -20.09 5.58
C ASN A 342 18.05 -19.32 6.27
N LEU A 343 19.08 -18.84 5.52
CA LEU A 343 20.27 -18.24 6.14
C LEU A 343 20.06 -16.89 6.81
N CYS A 344 19.17 -16.00 6.30
CA CYS A 344 18.94 -14.72 6.97
C CYS A 344 17.89 -14.89 8.04
N SER A 345 16.82 -15.62 7.74
CA SER A 345 15.69 -15.89 8.61
C SER A 345 16.15 -16.40 9.96
N ILE A 346 15.63 -15.76 11.06
CA ILE A 346 15.92 -16.17 12.43
C ILE A 346 15.15 -17.47 12.67
N VAL A 347 15.72 -18.56 12.25
CA VAL A 347 15.15 -19.89 12.37
C VAL A 347 15.41 -20.40 13.80
N ALA A 348 14.44 -21.13 14.36
CA ALA A 348 14.61 -21.67 15.70
C ALA A 348 15.68 -22.77 15.71
N ASP A 349 16.41 -22.87 16.83
CA ASP A 349 17.46 -23.85 17.14
C ASP A 349 18.62 -23.86 16.12
N GLU A 350 18.84 -22.71 15.45
CA GLU A 350 19.94 -22.52 14.50
C GLU A 350 20.65 -21.22 14.86
N ASP A 351 21.99 -21.25 14.87
CA ASP A 351 22.82 -20.08 15.14
C ASP A 351 22.73 -19.17 13.93
N ARG A 352 22.38 -17.89 14.16
CA ARG A 352 22.21 -16.95 13.05
C ARG A 352 22.84 -15.62 13.38
N TYR A 353 23.37 -14.89 12.41
CA TYR A 353 23.85 -13.53 12.61
C TYR A 353 22.64 -12.59 12.81
N ALA A 354 22.87 -11.41 13.38
CA ALA A 354 21.81 -10.41 13.56
C ALA A 354 22.41 -9.00 13.80
N PHE A 355 21.62 -7.95 13.51
CA PHE A 355 22.02 -6.58 13.77
C PHE A 355 21.01 -6.15 14.81
N SER A 356 21.42 -6.15 16.07
CA SER A 356 20.58 -5.92 17.23
C SER A 356 20.60 -4.54 17.85
N ILE A 357 19.46 -4.12 18.40
CA ILE A 357 19.34 -2.90 19.21
C ILE A 357 18.98 -3.37 20.63
N MET A 358 19.66 -2.83 21.65
CA MET A 358 19.44 -3.27 23.03
C MET A 358 19.27 -2.11 23.95
N TRP A 359 18.38 -2.24 24.90
CA TRP A 359 18.12 -1.19 25.85
C TRP A 359 18.03 -1.76 27.26
N GLU A 360 18.34 -0.95 28.23
CA GLU A 360 18.15 -1.27 29.64
C GLU A 360 17.11 -0.26 30.08
N PHE A 361 16.05 -0.74 30.74
CA PHE A 361 14.96 0.10 31.26
C PHE A 361 14.98 0.12 32.78
N ASP A 362 14.70 1.27 33.40
CA ASP A 362 14.61 1.38 34.86
C ASP A 362 13.14 1.03 35.35
N GLU A 363 12.82 1.23 36.64
CA GLU A 363 11.50 0.93 37.21
C GLU A 363 10.36 1.70 36.58
N ASN A 364 10.65 2.90 36.06
CA ASN A 364 9.67 3.74 35.37
C ASN A 364 9.60 3.44 33.83
N TYR A 365 10.29 2.36 33.37
CA TYR A 365 10.32 1.98 31.98
C TYR A 365 10.92 3.07 31.08
N SER A 366 11.95 3.75 31.62
CA SER A 366 12.70 4.82 30.98
C SER A 366 14.05 4.21 30.62
N VAL A 367 14.52 4.42 29.40
CA VAL A 367 15.78 3.86 28.92
C VAL A 367 16.98 4.46 29.65
N VAL A 368 17.77 3.61 30.28
CA VAL A 368 19.01 4.04 30.92
C VAL A 368 20.26 3.66 30.07
N ARG A 369 20.12 2.75 29.10
CA ARG A 369 21.25 2.35 28.24
C ARG A 369 20.75 1.95 26.83
N GLU A 370 21.53 2.22 25.77
CA GLU A 370 21.15 1.83 24.39
C GLU A 370 22.37 1.41 23.61
N PHE A 371 22.27 0.29 22.92
CA PHE A 371 23.38 -0.27 22.21
C PHE A 371 22.96 -0.71 20.83
N PHE A 372 23.70 -0.33 19.80
CA PHE A 372 23.46 -0.86 18.45
C PHE A 372 24.75 -1.64 18.13
N GLY A 373 24.60 -2.86 17.70
CA GLY A 373 25.75 -3.69 17.33
C GLY A 373 25.34 -5.00 16.71
N LYS A 374 26.32 -5.69 16.07
CA LYS A 374 26.23 -6.97 15.41
C LYS A 374 26.33 -8.08 16.45
N THR A 375 25.49 -9.14 16.32
CA THR A 375 25.37 -10.25 17.28
C THR A 375 25.24 -11.64 16.62
N VAL A 376 25.36 -12.72 17.40
CA VAL A 376 25.10 -14.09 16.93
C VAL A 376 24.04 -14.62 17.88
N ILE A 377 22.84 -14.90 17.40
CA ILE A 377 21.75 -15.36 18.25
C ILE A 377 21.34 -16.82 17.95
N ARG A 378 20.42 -17.39 18.74
CA ARG A 378 19.92 -18.75 18.53
C ARG A 378 18.50 -18.84 19.09
N SER A 379 17.48 -18.51 18.28
CA SER A 379 16.08 -18.54 18.72
C SER A 379 15.65 -19.88 19.32
N ARG A 380 15.05 -19.81 20.49
CA ARG A 380 14.55 -20.95 21.24
C ARG A 380 13.25 -21.46 20.67
N ALA A 381 12.44 -20.56 20.08
CA ALA A 381 11.15 -20.90 19.52
C ALA A 381 10.67 -19.88 18.50
N ALA A 382 10.18 -20.37 17.36
CA ALA A 382 9.59 -19.51 16.35
C ALA A 382 8.11 -19.63 16.67
N LEU A 383 7.56 -18.68 17.39
CA LEU A 383 6.17 -18.74 17.82
C LEU A 383 5.23 -18.08 16.86
N TYR A 384 3.96 -18.50 16.92
CA TYR A 384 2.85 -17.88 16.25
C TYR A 384 2.20 -16.97 17.34
N TYR A 385 1.67 -15.78 16.96
CA TYR A 385 1.00 -14.80 17.83
C TYR A 385 0.11 -15.41 18.88
N GLY A 386 -0.71 -16.36 18.48
CA GLY A 386 -1.64 -16.99 19.39
C GLY A 386 -0.97 -17.84 20.45
N ASP A 387 0.12 -18.49 20.07
CA ASP A 387 0.89 -19.33 20.97
C ASP A 387 1.55 -18.45 22.01
N ALA A 388 2.11 -17.30 21.59
CA ALA A 388 2.69 -16.37 22.54
C ALA A 388 1.60 -15.84 23.50
N GLN A 389 0.44 -15.44 22.97
CA GLN A 389 -0.67 -14.98 23.79
C GLN A 389 -1.10 -16.04 24.82
N ARG A 390 -1.23 -17.33 24.41
CA ARG A 390 -1.61 -18.40 25.33
C ARG A 390 -0.54 -18.54 26.41
N MET A 391 0.73 -18.55 26.00
CA MET A 391 1.86 -18.66 26.91
C MET A 391 1.85 -17.58 28.00
N ILE A 392 1.65 -16.31 27.60
CA ILE A 392 1.58 -15.18 28.52
C ILE A 392 0.42 -15.37 29.50
N ASP A 393 -0.75 -15.80 28.98
CA ASP A 393 -1.98 -15.95 29.77
C ASP A 393 -2.13 -17.24 30.58
N ASP A 394 -1.17 -18.19 30.45
CA ASP A 394 -1.23 -19.48 31.14
C ASP A 394 -0.51 -19.35 32.46
N PRO A 395 -1.23 -19.45 33.58
CA PRO A 395 -0.58 -19.31 34.89
C PRO A 395 0.39 -20.43 35.25
N GLU A 396 0.22 -21.60 34.63
CA GLU A 396 1.08 -22.76 34.89
C GLU A 396 2.44 -22.71 34.15
N ASP A 397 2.55 -21.83 33.15
CA ASP A 397 3.77 -21.71 32.36
C ASP A 397 4.76 -20.74 32.97
N GLU A 398 5.83 -21.27 33.58
CA GLU A 398 6.88 -20.43 34.18
C GLU A 398 8.21 -20.57 33.44
N SER A 399 8.17 -20.87 32.10
CA SER A 399 9.37 -21.05 31.28
C SER A 399 10.06 -19.74 30.96
N GLU A 400 11.36 -19.75 30.60
CA GLU A 400 12.07 -18.52 30.29
C GLU A 400 11.38 -17.70 29.19
N ALA A 401 10.82 -18.39 28.20
CA ALA A 401 10.12 -17.73 27.11
C ALA A 401 8.84 -17.08 27.57
N ALA A 402 8.02 -17.79 28.38
CA ALA A 402 6.75 -17.25 28.87
C ALA A 402 7.00 -16.02 29.73
N VAL A 403 8.03 -16.08 30.59
CA VAL A 403 8.37 -14.94 31.43
C VAL A 403 8.84 -13.76 30.58
N SER A 404 9.72 -13.99 29.59
CA SER A 404 10.22 -12.92 28.73
C SER A 404 9.09 -12.22 28.00
N LEU A 405 8.15 -13.04 27.45
CA LEU A 405 6.97 -12.58 26.74
C LEU A 405 6.12 -11.69 27.66
N ARG A 406 5.90 -12.10 28.93
CA ARG A 406 5.14 -11.26 29.87
C ARG A 406 5.80 -9.90 30.08
N TYR A 407 7.15 -9.88 30.12
CA TYR A 407 7.93 -8.66 30.28
C TYR A 407 7.81 -7.76 29.05
N LEU A 408 7.94 -8.34 27.85
CA LEU A 408 7.78 -7.59 26.62
C LEU A 408 6.33 -7.07 26.51
N MET A 409 5.34 -7.82 27.01
CA MET A 409 3.95 -7.41 26.97
C MET A 409 3.74 -6.21 27.88
N GLN A 410 4.31 -6.27 29.12
CA GLN A 410 4.25 -5.21 30.13
C GLN A 410 4.84 -3.94 29.55
N LEU A 411 6.08 -4.03 29.03
CA LEU A 411 6.79 -2.93 28.45
C LEU A 411 6.05 -2.33 27.25
N SER A 412 5.54 -3.16 26.34
CA SER A 412 4.83 -2.67 25.16
C SER A 412 3.54 -1.97 25.50
N ARG A 413 2.83 -2.45 26.54
CA ARG A 413 1.58 -1.83 26.98
C ARG A 413 1.81 -0.37 27.39
N HIS A 414 3.00 -0.10 27.99
CA HIS A 414 3.45 1.21 28.42
C HIS A 414 3.74 2.10 27.20
N PHE A 415 4.43 1.55 26.19
CA PHE A 415 4.73 2.26 24.95
C PHE A 415 3.43 2.66 24.22
N ARG A 416 2.41 1.79 24.21
CA ARG A 416 1.14 2.11 23.56
C ARG A 416 0.41 3.26 24.26
N LYS A 417 0.46 3.33 25.60
CA LYS A 417 -0.19 4.40 26.36
C LYS A 417 0.52 5.73 26.12
N ARG A 418 1.86 5.70 26.08
CA ARG A 418 2.64 6.91 25.82
C ARG A 418 2.37 7.41 24.38
N ARG A 419 2.19 6.49 23.43
CA ARG A 419 1.87 6.79 22.04
C ARG A 419 0.48 7.37 21.87
N GLU A 420 -0.51 6.92 22.70
CA GLU A 420 -1.85 7.54 22.62
C GLU A 420 -1.80 8.93 23.24
N LYS A 421 -0.99 9.11 24.30
CA LYS A 421 -0.77 10.38 24.95
C LYS A 421 -0.08 11.33 23.93
N ASP A 422 0.88 10.83 23.11
CA ASP A 422 1.60 11.60 22.08
C ASP A 422 0.66 12.09 20.97
N GLY A 423 -0.36 11.30 20.68
CA GLY A 423 -1.36 11.58 19.65
C GLY A 423 -1.30 10.67 18.44
N ALA A 424 -0.89 9.39 18.63
CA ALA A 424 -0.77 8.48 17.48
C ALA A 424 -2.13 8.04 16.99
N LEU A 425 -2.29 7.87 15.67
CA LEU A 425 -3.55 7.39 15.11
C LEU A 425 -3.67 5.87 15.28
N PHE A 426 -4.82 5.42 15.79
CA PHE A 426 -5.06 4.00 15.93
C PHE A 426 -6.16 3.69 14.91
N LEU A 427 -5.76 3.21 13.72
CA LEU A 427 -6.73 3.00 12.64
C LEU A 427 -7.05 1.52 12.39
N CYS A 428 -7.99 1.21 11.48
CA CYS A 428 -8.37 -0.17 11.21
C CYS A 428 -8.19 -0.55 9.76
N SER A 429 -7.86 -1.82 9.52
CA SER A 429 -7.81 -2.40 8.17
C SER A 429 -8.34 -3.83 8.24
N GLN A 430 -8.95 -4.31 7.14
CA GLN A 430 -9.48 -5.66 7.12
C GLN A 430 -8.66 -6.52 6.20
N GLU A 431 -8.14 -7.64 6.70
CA GLU A 431 -7.40 -8.60 5.89
C GLU A 431 -8.08 -9.95 6.03
N PHE A 432 -8.25 -10.67 4.90
CA PHE A 432 -8.93 -11.96 4.92
C PHE A 432 -8.00 -13.11 4.69
N LYS A 433 -8.21 -14.20 5.43
CA LYS A 433 -7.48 -15.43 5.22
C LYS A 433 -8.34 -16.33 4.32
N PHE A 434 -7.77 -16.83 3.23
CA PHE A 434 -8.51 -17.68 2.29
C PHE A 434 -8.10 -19.13 2.43
N LYS A 435 -9.08 -20.00 2.74
CA LYS A 435 -8.85 -21.43 2.95
C LYS A 435 -8.86 -22.17 1.64
N VAL A 436 -7.68 -22.43 1.08
CA VAL A 436 -7.56 -23.15 -0.17
C VAL A 436 -7.28 -24.65 0.07
N ASP A 437 -7.61 -25.50 -0.90
CA ASP A 437 -7.46 -26.94 -0.77
C ASP A 437 -7.44 -27.54 -2.19
N ASN A 438 -6.41 -28.34 -2.52
CA ASN A 438 -6.16 -28.89 -3.86
C ASN A 438 -7.37 -29.61 -4.52
N ASP A 439 -8.35 -30.07 -3.72
CA ASP A 439 -9.51 -30.78 -4.28
C ASP A 439 -10.67 -29.86 -4.70
N HIS A 440 -10.57 -28.54 -4.43
CA HIS A 440 -11.65 -27.60 -4.76
C HIS A 440 -11.17 -26.46 -5.65
N VAL A 441 -12.00 -26.03 -6.63
CA VAL A 441 -11.68 -24.94 -7.55
C VAL A 441 -11.63 -23.62 -6.79
N ASN A 442 -12.63 -23.37 -5.95
CA ASN A 442 -12.78 -22.15 -5.16
C ASN A 442 -12.31 -22.33 -3.72
N PRO A 443 -11.89 -21.23 -3.04
CA PRO A 443 -11.52 -21.36 -1.62
C PRO A 443 -12.76 -21.76 -0.79
N THR A 444 -12.61 -22.74 0.12
CA THR A 444 -13.72 -23.26 0.91
C THR A 444 -14.15 -22.32 2.06
N ASP A 445 -13.27 -21.42 2.50
CA ASP A 445 -13.60 -20.48 3.56
C ASP A 445 -12.85 -19.15 3.41
N MET A 446 -13.39 -18.11 4.03
CA MET A 446 -12.86 -16.77 4.03
C MET A 446 -13.19 -16.17 5.42
N GLN A 447 -12.18 -15.89 6.24
CA GLN A 447 -12.36 -15.31 7.57
C GLN A 447 -11.35 -14.18 7.82
N ALA A 448 -11.66 -13.23 8.73
CA ALA A 448 -10.70 -12.15 9.04
C ALA A 448 -9.50 -12.74 9.78
N TYR A 449 -8.32 -12.12 9.67
CA TYR A 449 -7.15 -12.61 10.40
C TYR A 449 -7.36 -12.47 11.91
N GLN A 450 -6.91 -13.46 12.69
CA GLN A 450 -7.06 -13.39 14.14
C GLN A 450 -6.02 -12.49 14.74
N THR A 451 -6.41 -11.72 15.73
CA THR A 451 -5.54 -10.75 16.38
C THR A 451 -5.52 -10.97 17.87
N PHE A 452 -4.31 -10.99 18.45
CA PHE A 452 -4.10 -11.17 19.88
C PHE A 452 -3.32 -9.94 20.43
N ASP A 453 -3.17 -9.80 21.77
CA ASP A 453 -2.39 -8.68 22.33
C ASP A 453 -0.91 -8.76 21.94
N SER A 454 -0.40 -9.98 21.66
CA SER A 454 0.97 -10.15 21.20
C SER A 454 1.22 -9.45 19.83
N ASN A 455 0.17 -9.19 19.05
CA ASN A 455 0.29 -8.48 17.76
C ASN A 455 0.66 -7.02 18.00
N SER A 456 0.09 -6.44 19.05
CA SER A 456 0.33 -5.07 19.49
C SER A 456 1.71 -4.94 20.15
N MET A 457 2.17 -6.01 20.81
CA MET A 457 3.46 -6.09 21.47
C MET A 457 4.59 -6.09 20.45
N ILE A 458 4.43 -6.84 19.35
CA ILE A 458 5.44 -6.84 18.31
C ILE A 458 5.42 -5.46 17.61
N GLU A 459 4.22 -4.90 17.36
CA GLU A 459 4.12 -3.59 16.72
C GLU A 459 4.81 -2.52 17.49
N GLU A 460 4.63 -2.53 18.82
CA GLU A 460 5.24 -1.53 19.68
C GLU A 460 6.74 -1.65 19.71
N TRP A 461 7.24 -2.88 19.75
CA TRP A 461 8.66 -3.11 19.83
C TRP A 461 9.32 -2.73 18.53
N MET A 462 8.70 -3.05 17.37
CA MET A 462 9.24 -2.67 16.06
C MET A 462 9.20 -1.15 15.89
N LEU A 463 8.09 -0.50 16.24
CA LEU A 463 7.99 0.97 16.21
C LEU A 463 9.09 1.60 17.06
N PHE A 464 9.47 0.97 18.17
CA PHE A 464 10.50 1.45 19.10
C PHE A 464 11.90 1.31 18.48
N ALA A 465 12.19 0.16 17.85
CA ALA A 465 13.47 -0.16 17.21
C ALA A 465 13.70 0.71 15.99
N ASN A 466 12.70 0.88 15.13
CA ASN A 466 12.78 1.71 13.95
C ASN A 466 13.05 3.17 14.31
N ALA A 467 12.42 3.67 15.39
CA ALA A 467 12.60 5.06 15.79
C ALA A 467 13.98 5.31 16.40
N ALA A 468 14.53 4.28 17.12
CA ALA A 468 15.88 4.33 17.70
C ALA A 468 16.89 4.31 16.54
N ALA A 469 16.65 3.48 15.50
CA ALA A 469 17.53 3.45 14.33
C ALA A 469 17.48 4.80 13.57
N ALA A 470 16.27 5.36 13.37
CA ALA A 470 16.10 6.66 12.72
C ALA A 470 16.96 7.77 13.36
N ARG A 471 16.88 7.89 14.71
CA ARG A 471 17.59 8.89 15.49
C ARG A 471 19.07 8.64 15.44
N ARG A 472 19.50 7.37 15.61
CA ARG A 472 20.93 7.07 15.64
C ARG A 472 21.59 7.38 14.34
N VAL A 473 21.07 6.82 13.20
CA VAL A 473 21.59 7.14 11.89
C VAL A 473 21.59 8.67 11.59
N TYR A 474 20.44 9.37 11.81
CA TYR A 474 20.39 10.81 11.60
C TYR A 474 21.41 11.62 12.42
N ALA A 475 21.83 11.11 13.58
CA ALA A 475 22.85 11.82 14.37
C ALA A 475 24.19 11.82 13.61
N SER A 476 24.48 10.76 12.85
CA SER A 476 25.72 10.68 12.09
C SER A 476 25.64 11.36 10.74
N PHE A 477 24.58 11.09 9.97
CA PHE A 477 24.50 11.61 8.58
C PHE A 477 23.30 12.54 8.30
N PRO A 478 23.32 13.77 8.83
CA PRO A 478 22.18 14.68 8.62
C PRO A 478 21.79 14.99 7.19
N ARG A 479 22.71 14.82 6.25
CA ARG A 479 22.47 15.16 4.86
C ARG A 479 22.06 14.02 3.95
N TRP A 480 21.97 12.77 4.42
CA TRP A 480 21.59 11.67 3.53
C TRP A 480 21.02 10.42 4.25
N THR A 481 20.36 10.63 5.39
CA THR A 481 19.74 9.54 6.14
C THR A 481 18.42 9.13 5.46
N LEU A 482 18.23 7.84 5.20
CA LEU A 482 16.97 7.37 4.63
C LEU A 482 15.95 7.36 5.78
N LEU A 483 14.91 8.17 5.64
CA LEU A 483 13.89 8.27 6.67
C LEU A 483 12.47 8.02 6.09
N ARG A 484 11.43 8.22 6.92
CA ARG A 484 10.07 8.03 6.51
C ARG A 484 9.20 9.07 7.20
N ARG A 485 8.58 9.97 6.42
CA ARG A 485 7.68 10.97 6.94
C ARG A 485 6.26 10.71 6.47
N HIS A 486 5.32 11.47 7.00
CA HIS A 486 3.93 11.38 6.67
C HIS A 486 3.39 12.77 6.87
N GLN A 487 3.03 13.45 5.78
CA GLN A 487 2.49 14.81 5.87
C GLN A 487 1.12 14.81 6.52
N ALA A 488 0.74 15.95 7.11
CA ALA A 488 -0.60 16.08 7.70
C ALA A 488 -1.64 16.03 6.56
N PRO A 489 -2.91 15.72 6.86
CA PRO A 489 -3.89 15.61 5.76
C PRO A 489 -4.03 16.88 4.94
N ALA A 490 -4.44 16.73 3.67
CA ALA A 490 -4.66 17.86 2.77
C ALA A 490 -5.82 18.75 3.26
N GLU A 491 -5.91 20.00 2.78
CA GLU A 491 -6.98 20.90 3.24
C GLU A 491 -8.39 20.42 2.83
N ASN A 492 -9.35 20.50 3.76
CA ASN A 492 -10.75 20.09 3.54
C ASN A 492 -10.88 18.58 3.29
N ALA A 493 -9.94 17.77 3.81
CA ALA A 493 -9.98 16.34 3.58
C ALA A 493 -11.10 15.65 4.31
N PHE A 494 -11.39 16.06 5.54
CA PHE A 494 -12.45 15.43 6.32
C PHE A 494 -13.83 16.10 6.18
N ASP A 495 -13.98 17.03 5.23
CA ASP A 495 -15.21 17.79 5.00
C ASP A 495 -16.42 16.89 4.79
N THR A 496 -16.41 16.09 3.71
CA THR A 496 -17.50 15.20 3.33
C THR A 496 -17.91 14.27 4.46
N LEU A 497 -16.92 13.58 5.05
CA LEU A 497 -17.11 12.64 6.16
C LEU A 497 -17.66 13.33 7.40
N ASN A 498 -17.19 14.56 7.68
CA ASN A 498 -17.62 15.36 8.82
C ASN A 498 -19.07 15.78 8.75
N GLU A 499 -19.54 16.15 7.54
CA GLU A 499 -20.94 16.53 7.28
C GLU A 499 -21.85 15.37 7.71
N ALA A 500 -21.47 14.13 7.38
CA ALA A 500 -22.18 12.93 7.77
C ALA A 500 -22.03 12.60 9.26
N ILE A 501 -20.79 12.55 9.83
CA ILE A 501 -20.64 12.23 11.25
C ILE A 501 -21.39 13.21 12.15
N ARG A 502 -21.25 14.53 11.89
CA ARG A 502 -21.94 15.55 12.70
C ARG A 502 -23.45 15.39 12.58
N ARG A 503 -23.95 15.04 11.40
CA ARG A 503 -25.38 14.82 11.19
C ARG A 503 -25.86 13.62 12.02
N LYS A 504 -25.10 12.52 12.01
CA LYS A 504 -25.48 11.29 12.70
C LYS A 504 -25.29 11.32 14.23
N ILE A 505 -24.06 11.62 14.70
CA ILE A 505 -23.67 11.50 16.10
C ILE A 505 -23.31 12.85 16.79
N GLY A 506 -23.38 13.96 16.05
CA GLY A 506 -23.11 15.28 16.62
C GLY A 506 -21.65 15.63 16.85
N VAL A 507 -20.74 14.78 16.34
CA VAL A 507 -19.31 14.95 16.52
C VAL A 507 -18.61 15.27 15.19
N LYS A 508 -17.47 15.96 15.27
CA LYS A 508 -16.67 16.26 14.08
C LYS A 508 -15.23 15.75 14.28
N LEU A 509 -14.51 15.54 13.19
CA LEU A 509 -13.14 15.08 13.25
C LEU A 509 -12.23 16.28 13.12
N ASP A 510 -11.28 16.42 14.04
CA ASP A 510 -10.40 17.57 14.05
C ASP A 510 -9.00 17.16 13.63
N ASP A 511 -8.56 17.49 12.40
CA ASP A 511 -7.21 17.11 11.98
C ASP A 511 -6.15 18.19 12.22
N THR A 512 -6.41 19.20 13.11
CA THR A 512 -5.40 20.26 13.37
C THR A 512 -4.07 19.64 13.83
N THR A 513 -4.16 18.62 14.71
CA THR A 513 -3.01 17.82 15.15
C THR A 513 -3.33 16.29 15.09
N SER A 514 -2.30 15.43 15.18
CA SER A 514 -2.49 13.97 15.27
C SER A 514 -3.31 13.65 16.55
N LEU A 515 -3.04 14.39 17.65
CA LEU A 515 -3.68 14.21 18.95
C LEU A 515 -5.15 14.59 18.95
N ALA A 516 -5.49 15.71 18.30
CA ALA A 516 -6.87 16.13 18.20
C ALA A 516 -7.68 15.11 17.39
N LEU A 517 -7.14 14.64 16.23
CA LEU A 517 -7.84 13.66 15.41
C LEU A 517 -8.02 12.36 16.14
N ASN A 518 -7.01 11.93 16.88
CA ASN A 518 -7.07 10.71 17.67
C ASN A 518 -8.11 10.80 18.81
N GLU A 519 -8.19 11.98 19.50
CA GLU A 519 -9.17 12.21 20.56
C GLU A 519 -10.57 12.34 20.00
N SER A 520 -10.75 13.04 18.87
CA SER A 520 -12.07 13.17 18.24
C SER A 520 -12.55 11.86 17.64
N LEU A 521 -11.63 11.02 17.16
CA LEU A 521 -11.91 9.67 16.65
C LEU A 521 -12.43 8.78 17.81
N GLU A 522 -11.88 8.96 19.02
CA GLU A 522 -12.32 8.20 20.19
C GLU A 522 -13.79 8.55 20.57
N LYS A 523 -14.22 9.78 20.24
CA LYS A 523 -15.57 10.29 20.47
C LYS A 523 -16.55 9.93 19.37
N CYS A 524 -16.08 9.38 18.21
CA CYS A 524 -16.89 8.94 17.06
C CYS A 524 -17.61 7.63 17.43
N VAL A 525 -18.61 7.69 18.32
CA VAL A 525 -19.32 6.50 18.76
C VAL A 525 -20.83 6.61 18.57
N ASP A 526 -21.44 5.60 17.95
CA ASP A 526 -22.89 5.54 17.79
C ASP A 526 -23.36 4.58 18.85
N PRO A 527 -24.19 5.05 19.79
CA PRO A 527 -24.65 4.16 20.87
C PRO A 527 -25.54 3.00 20.43
N SER A 528 -26.17 3.13 19.26
CA SER A 528 -27.08 2.12 18.72
C SER A 528 -26.44 1.12 17.73
N ASP A 529 -25.13 1.25 17.49
CA ASP A 529 -24.39 0.42 16.56
C ASP A 529 -22.90 0.46 16.91
N PRO A 530 -22.37 -0.65 17.43
CA PRO A 530 -20.97 -0.66 17.86
C PRO A 530 -19.92 -0.76 16.74
N TYR A 531 -20.34 -1.01 15.50
CA TYR A 531 -19.37 -1.06 14.39
C TYR A 531 -18.95 0.33 13.92
N PHE A 532 -19.84 1.34 14.10
CA PHE A 532 -19.63 2.72 13.66
C PHE A 532 -18.20 3.26 13.90
N ASN A 533 -17.64 3.05 15.10
CA ASN A 533 -16.29 3.52 15.41
C ASN A 533 -15.20 2.86 14.53
N ARG A 534 -15.31 1.55 14.33
CA ARG A 534 -14.38 0.80 13.49
C ARG A 534 -14.54 1.22 12.02
N LEU A 535 -15.76 1.56 11.61
CA LEU A 535 -16.05 2.01 10.27
C LEU A 535 -15.41 3.38 10.08
N ILE A 536 -15.57 4.31 11.05
CA ILE A 536 -14.95 5.62 10.92
C ILE A 536 -13.41 5.50 10.91
N ARG A 537 -12.86 4.66 11.82
CA ARG A 537 -11.42 4.38 11.90
C ARG A 537 -10.84 3.71 10.64
N THR A 538 -11.70 3.24 9.73
CA THR A 538 -11.36 2.61 8.47
C THR A 538 -11.47 3.66 7.35
N LEU A 539 -12.51 4.48 7.39
CA LEU A 539 -12.71 5.52 6.38
C LEU A 539 -11.72 6.67 6.52
N VAL A 540 -11.23 6.93 7.73
CA VAL A 540 -10.24 7.99 8.00
C VAL A 540 -8.89 7.63 7.33
N THR A 541 -8.60 6.33 7.11
CA THR A 541 -7.38 5.94 6.42
C THR A 541 -7.39 6.47 4.97
N ARG A 542 -8.60 6.58 4.36
CA ARG A 542 -8.75 7.07 2.99
C ARG A 542 -8.64 8.59 2.85
N CYS A 543 -8.59 9.31 3.96
CA CYS A 543 -8.46 10.76 3.95
C CYS A 543 -7.03 11.22 4.22
N LEU A 544 -6.11 10.29 4.49
CA LEU A 544 -4.72 10.65 4.80
C LEU A 544 -3.85 10.62 3.55
N ARG A 545 -2.73 11.34 3.57
CA ARG A 545 -1.80 11.29 2.45
C ARG A 545 -0.99 9.97 2.57
N GLN A 546 -0.36 9.52 1.48
CA GLN A 546 0.51 8.35 1.57
C GLN A 546 1.80 8.78 2.32
N ALA A 547 2.30 7.93 3.24
CA ALA A 547 3.56 8.21 3.92
C ALA A 547 4.66 7.99 2.89
N GLN A 548 5.79 8.73 3.00
CA GLN A 548 6.86 8.54 2.02
C GLN A 548 8.25 8.43 2.64
N TYR A 549 9.08 7.64 1.99
CA TYR A 549 10.49 7.49 2.25
C TYR A 549 11.12 8.75 1.66
N PHE A 550 12.28 9.17 2.19
CA PHE A 550 12.96 10.36 1.69
C PHE A 550 14.39 10.47 2.24
N SER A 551 15.25 11.27 1.59
CA SER A 551 16.58 11.55 2.10
C SER A 551 16.40 12.70 3.06
N SER A 552 17.02 12.68 4.25
CA SER A 552 16.86 13.75 5.26
C SER A 552 17.28 15.16 4.82
N SER A 553 17.89 15.28 3.66
CA SER A 553 18.33 16.57 3.13
C SER A 553 17.29 17.22 2.23
N GLU A 554 16.21 16.50 1.85
CA GLU A 554 15.15 17.00 0.99
C GLU A 554 14.31 18.08 1.70
N VAL A 555 14.11 17.93 3.02
CA VAL A 555 13.28 18.85 3.81
C VAL A 555 13.98 19.28 5.15
N SER A 556 13.31 20.17 5.94
CA SER A 556 13.75 20.63 7.25
C SER A 556 13.43 19.57 8.32
N LYS A 557 14.09 19.62 9.49
CA LYS A 557 13.88 18.66 10.59
C LYS A 557 12.43 18.58 11.00
N ASP A 558 11.69 19.68 10.92
CA ASP A 558 10.28 19.66 11.32
C ASP A 558 9.39 18.97 10.29
N GLU A 559 9.83 18.90 9.04
CA GLU A 559 9.12 18.17 8.01
C GLU A 559 9.40 16.67 8.05
N PHE A 560 10.31 16.18 8.93
CA PHE A 560 10.51 14.73 9.09
C PHE A 560 9.31 14.05 9.81
N HIS A 561 8.47 14.85 10.45
CA HIS A 561 7.33 14.42 11.25
C HIS A 561 6.45 13.41 10.55
N HIS A 562 6.06 12.36 11.29
CA HIS A 562 5.15 11.34 10.81
C HIS A 562 3.79 11.62 11.44
N PHE A 563 2.84 12.15 10.67
CA PHE A 563 1.53 12.47 11.16
C PHE A 563 0.81 11.26 11.82
N GLY A 564 0.79 10.12 11.14
CA GLY A 564 0.08 8.95 11.62
C GLY A 564 0.60 8.37 12.92
N LEU A 565 1.95 8.38 13.10
CA LEU A 565 2.61 7.82 14.27
C LEU A 565 2.85 8.84 15.41
N ALA A 566 2.68 10.15 15.08
CA ALA A 566 2.90 11.29 15.95
C ALA A 566 4.35 11.25 16.41
N MET A 567 5.27 11.05 15.48
CA MET A 567 6.69 10.93 15.78
C MET A 567 7.48 12.04 15.04
N PRO A 568 8.57 12.54 15.65
CA PRO A 568 9.35 13.59 14.97
C PRO A 568 10.28 13.06 13.88
N ILE A 569 10.66 11.75 13.96
CA ILE A 569 11.55 11.12 12.99
C ILE A 569 11.29 9.63 12.98
N TYR A 570 11.18 9.03 11.81
CA TYR A 570 10.91 7.60 11.70
C TYR A 570 11.61 7.00 10.47
N THR A 571 11.81 5.68 10.46
CA THR A 571 12.43 4.94 9.35
C THR A 571 12.06 3.46 9.47
N HIS A 572 12.38 2.68 8.47
CA HIS A 572 12.18 1.26 8.47
C HIS A 572 13.56 0.60 8.54
N PHE A 573 13.77 -0.23 9.58
CA PHE A 573 14.99 -0.93 9.90
C PHE A 573 14.74 -2.45 10.14
N THR A 574 13.56 -2.80 10.64
CA THR A 574 13.21 -4.12 11.14
C THR A 574 12.89 -5.23 10.15
N SER A 575 12.86 -4.95 8.82
CA SER A 575 12.56 -5.95 7.82
C SER A 575 13.45 -5.87 6.57
N PRO A 576 14.78 -6.08 6.71
CA PRO A 576 15.64 -6.04 5.49
C PRO A 576 15.45 -7.24 4.55
N ILE A 577 14.81 -8.34 5.04
CA ILE A 577 14.55 -9.51 4.19
C ILE A 577 13.50 -9.16 3.14
N ARG A 578 12.47 -8.39 3.53
CA ARG A 578 11.38 -8.07 2.60
C ARG A 578 11.26 -6.59 2.17
N ARG A 579 12.17 -5.72 2.61
CA ARG A 579 12.16 -4.32 2.23
C ARG A 579 13.58 -3.86 2.01
N TYR A 580 13.82 -3.16 0.90
CA TYR A 580 15.12 -2.63 0.55
C TYR A 580 15.42 -1.35 1.32
N ALA A 581 14.41 -0.62 1.86
CA ALA A 581 14.69 0.58 2.67
C ALA A 581 15.53 0.21 3.89
N ASP A 582 15.20 -0.91 4.52
CA ASP A 582 15.82 -1.47 5.71
C ASP A 582 17.24 -1.84 5.45
N VAL A 583 17.54 -2.41 4.26
CA VAL A 583 18.88 -2.76 3.81
C VAL A 583 19.75 -1.47 3.79
N ILE A 584 19.21 -0.40 3.21
CA ILE A 584 19.89 0.88 3.18
C ILE A 584 20.09 1.46 4.60
N VAL A 585 19.15 1.26 5.54
CA VAL A 585 19.28 1.78 6.90
C VAL A 585 20.31 0.96 7.71
N HIS A 586 20.30 -0.37 7.55
CA HIS A 586 21.30 -1.24 8.20
C HIS A 586 22.72 -0.86 7.71
N ARG A 587 22.83 -0.45 6.42
CA ARG A 587 24.11 -0.04 5.87
C ARG A 587 24.53 1.25 6.53
N GLN A 588 23.62 2.22 6.60
CA GLN A 588 23.90 3.50 7.19
C GLN A 588 24.13 3.45 8.68
N LEU A 589 23.54 2.47 9.36
CA LEU A 589 23.73 2.32 10.80
C LEU A 589 25.12 1.74 11.06
N ALA A 590 25.61 0.84 10.17
CA ALA A 590 26.93 0.28 10.33
C ALA A 590 27.97 1.38 10.10
N ALA A 591 27.77 2.22 9.09
CA ALA A 591 28.68 3.32 8.79
C ALA A 591 28.62 4.38 9.90
N ALA A 592 27.44 4.56 10.53
CA ALA A 592 27.28 5.48 11.66
C ALA A 592 28.10 5.01 12.85
N LEU A 593 28.10 3.71 13.13
CA LEU A 593 28.91 3.17 14.23
C LEU A 593 30.40 3.02 13.89
N GLY A 594 30.74 3.06 12.60
CA GLY A 594 32.12 2.90 12.17
C GLY A 594 32.56 1.45 12.03
N ILE A 595 31.61 0.52 12.05
CA ILE A 595 31.89 -0.89 11.87
C ILE A 595 31.74 -1.29 10.35
N MET A 596 31.68 -0.28 9.44
CA MET A 596 31.54 -0.36 7.99
C MET A 596 31.92 1.03 7.38
N ASP A 597 32.23 1.09 6.07
CA ASP A 597 32.61 2.32 5.37
C ASP A 597 31.37 3.08 4.82
N VAL A 598 31.47 4.40 4.61
CA VAL A 598 30.36 5.20 4.06
C VAL A 598 30.36 5.08 2.52
N SER A 599 29.16 5.05 1.90
CA SER A 599 29.07 4.91 0.44
C SER A 599 28.55 6.17 -0.27
N GLU A 600 28.76 6.23 -1.60
CA GLU A 600 28.31 7.33 -2.46
C GLU A 600 27.06 6.94 -3.26
N HIS A 602 24.34 6.34 -0.89
CA HIS A 602 23.97 7.26 0.18
C HIS A 602 24.45 8.70 -0.06
N MET A 603 25.77 8.93 -0.21
CA MET A 603 26.30 10.28 -0.37
C MET A 603 25.81 11.08 -1.60
N VAL A 604 25.85 10.52 -2.82
CA VAL A 604 25.42 11.26 -4.03
C VAL A 604 23.95 11.69 -3.96
N SER A 605 23.72 13.02 -4.01
CA SER A 605 22.39 13.64 -3.89
C SER A 605 21.35 13.06 -4.82
N VAL A 606 21.60 13.06 -6.16
CA VAL A 606 20.61 12.50 -7.10
C VAL A 606 20.28 11.04 -6.79
N LYS A 607 21.32 10.23 -6.49
CA LYS A 607 21.26 8.81 -6.13
C LYS A 607 20.43 8.53 -4.86
N MET A 608 20.67 9.25 -3.76
CA MET A 608 19.89 9.03 -2.53
C MET A 608 18.40 9.46 -2.67
N GLU A 609 18.14 10.43 -3.53
CA GLU A 609 16.77 10.90 -3.79
C GLU A 609 16.06 10.02 -4.84
N ALA A 610 16.84 9.33 -5.71
CA ALA A 610 16.33 8.36 -6.69
C ALA A 610 16.03 7.04 -5.97
N LEU A 611 16.81 6.71 -4.92
CA LEU A 611 16.66 5.52 -4.12
C LEU A 611 15.32 5.57 -3.43
N ALA A 612 15.00 6.73 -2.80
CA ALA A 612 13.73 6.97 -2.10
C ALA A 612 12.56 6.91 -3.10
N SER A 613 12.74 7.51 -4.29
CA SER A 613 11.74 7.58 -5.32
C SER A 613 11.18 6.20 -5.71
N ASN A 614 12.08 5.22 -5.92
CA ASN A 614 11.75 3.85 -6.31
C ASN A 614 11.17 3.08 -5.15
N LEU A 615 11.62 3.35 -3.92
CA LEU A 615 11.11 2.73 -2.70
C LEU A 615 9.62 3.01 -2.56
N ASN A 616 9.24 4.27 -2.81
CA ASN A 616 7.89 4.82 -2.78
C ASN A 616 7.00 4.28 -3.89
N TYR A 617 7.54 4.14 -5.10
CA TYR A 617 6.83 3.60 -6.26
C TYR A 617 6.52 2.11 -6.06
N ARG A 618 7.56 1.30 -5.85
CA ARG A 618 7.48 -0.12 -5.64
C ARG A 618 6.61 -0.46 -4.44
N HIS A 619 6.68 0.35 -3.34
CA HIS A 619 5.86 0.14 -2.15
C HIS A 619 4.39 0.28 -2.51
N GLU A 620 4.04 1.33 -3.25
CA GLU A 620 2.67 1.57 -3.66
C GLU A 620 2.14 0.47 -4.55
N GLN A 621 2.94 0.02 -5.53
CA GLN A 621 2.48 -1.04 -6.43
C GLN A 621 2.29 -2.33 -5.71
N ALA A 622 3.15 -2.64 -4.73
CA ALA A 622 3.02 -3.90 -3.98
C ALA A 622 1.75 -3.92 -3.12
N GLN A 623 1.32 -2.73 -2.62
CA GLN A 623 0.09 -2.52 -1.86
C GLN A 623 -1.15 -2.75 -2.74
N LYS A 624 -1.17 -2.15 -3.96
CA LYS A 624 -2.23 -2.35 -4.95
C LYS A 624 -2.28 -3.81 -5.35
N ALA A 625 -1.12 -4.46 -5.56
CA ALA A 625 -1.09 -5.86 -5.96
C ALA A 625 -1.74 -6.74 -4.90
N GLY A 626 -1.41 -6.50 -3.62
CA GLY A 626 -1.98 -7.22 -2.50
C GLY A 626 -3.49 -7.05 -2.40
N ARG A 627 -4.00 -5.77 -2.48
CA ARG A 627 -5.45 -5.46 -2.44
C ARG A 627 -6.16 -6.11 -3.64
N ASP A 628 -5.54 -6.07 -4.84
CA ASP A 628 -6.08 -6.67 -6.06
C ASP A 628 -6.28 -8.17 -5.84
N SER A 629 -5.28 -8.84 -5.23
CA SER A 629 -5.32 -10.27 -4.97
C SER A 629 -6.41 -10.59 -3.93
N GLN A 630 -6.58 -9.70 -2.93
CA GLN A 630 -7.62 -9.84 -1.92
C GLN A 630 -8.99 -9.82 -2.56
N ASN A 631 -9.26 -8.81 -3.41
CA ASN A 631 -10.55 -8.72 -4.11
C ASN A 631 -10.79 -9.96 -4.99
N LEU A 632 -9.75 -10.41 -5.69
CA LEU A 632 -9.79 -11.57 -6.59
C LEU A 632 -10.36 -12.80 -5.90
N PHE A 633 -9.77 -13.15 -4.75
CA PHE A 633 -10.13 -14.31 -3.96
C PHE A 633 -11.50 -14.17 -3.33
N THR A 634 -11.96 -12.92 -3.04
CA THR A 634 -13.32 -12.72 -2.51
C THR A 634 -14.35 -13.06 -3.59
N GLY A 635 -14.06 -12.68 -4.83
CA GLY A 635 -14.87 -13.03 -5.98
C GLY A 635 -14.94 -14.53 -6.16
N PHE A 636 -13.79 -15.24 -6.03
CA PHE A 636 -13.66 -16.71 -6.14
C PHE A 636 -14.43 -17.42 -5.02
N TYR A 637 -14.44 -16.83 -3.80
CA TYR A 637 -15.17 -17.41 -2.68
C TYR A 637 -16.68 -17.28 -2.92
N LEU A 638 -17.12 -16.11 -3.39
CA LEU A 638 -18.53 -15.90 -3.68
C LEU A 638 -19.02 -16.78 -4.84
N ARG A 639 -18.11 -17.21 -5.74
CA ARG A 639 -18.45 -18.15 -6.81
C ARG A 639 -19.02 -19.48 -6.26
N ASN A 640 -18.79 -19.79 -4.97
CA ASN A 640 -19.33 -21.01 -4.37
C ASN A 640 -20.87 -20.97 -4.31
N PHE A 641 -21.46 -19.76 -4.23
CA PHE A 641 -22.91 -19.57 -4.18
C PHE A 641 -23.44 -19.15 -5.57
N ALA A 642 -22.84 -19.70 -6.66
CA ALA A 642 -23.19 -19.42 -8.06
C ALA A 642 -24.64 -19.76 -8.35
N ASN A 643 -25.40 -18.76 -8.86
CA ASN A 643 -26.83 -18.87 -9.20
C ASN A 643 -27.70 -19.33 -8.00
N GLN A 644 -27.10 -19.39 -6.78
CA GLN A 644 -27.70 -19.76 -5.50
C GLN A 644 -27.99 -18.48 -4.68
N GLU A 645 -28.74 -18.61 -3.58
CA GLU A 645 -29.05 -17.44 -2.77
C GLU A 645 -28.20 -17.35 -1.52
N ILE A 646 -27.33 -16.34 -1.54
CA ILE A 646 -26.39 -16.01 -0.47
C ILE A 646 -27.04 -14.99 0.46
N PRO A 647 -27.13 -15.31 1.77
CA PRO A 647 -27.80 -14.41 2.74
C PRO A 647 -27.35 -12.94 2.74
N SER A 648 -28.27 -12.02 3.12
CA SER A 648 -28.00 -10.59 3.17
C SER A 648 -27.30 -10.12 4.44
N GLU A 649 -26.31 -9.24 4.29
CA GLU A 649 -25.54 -8.73 5.41
C GLU A 649 -25.66 -7.20 5.50
N ASP A 650 -25.34 -6.63 6.69
CA ASP A 650 -25.33 -5.19 6.93
C ASP A 650 -24.32 -4.53 5.96
N GLY A 651 -24.66 -3.32 5.54
CA GLY A 651 -23.81 -2.49 4.70
C GLY A 651 -23.90 -1.02 5.07
N TYR A 652 -22.91 -0.21 4.64
CA TYR A 652 -22.94 1.23 4.94
C TYR A 652 -22.71 2.04 3.68
N VAL A 653 -23.33 3.22 3.58
CA VAL A 653 -23.12 4.08 2.41
C VAL A 653 -21.80 4.78 2.66
N VAL A 654 -20.76 4.48 1.88
CA VAL A 654 -19.44 5.05 2.09
C VAL A 654 -19.08 6.18 1.11
N LYS A 655 -19.63 6.16 -0.13
CA LYS A 655 -19.37 7.18 -1.15
C LYS A 655 -20.65 7.52 -1.91
N LEU A 656 -20.81 8.80 -2.30
CA LEU A 656 -21.97 9.26 -3.05
C LEU A 656 -21.59 10.16 -4.24
N SER A 657 -21.55 9.59 -5.45
CA SER A 657 -21.31 10.34 -6.68
C SER A 657 -22.67 10.87 -7.26
N GLU A 658 -22.66 11.54 -8.44
CA GLU A 658 -23.90 12.02 -9.05
C GLU A 658 -24.81 10.83 -9.39
N THR A 659 -24.21 9.76 -9.93
CA THR A 659 -24.87 8.55 -10.41
C THR A 659 -25.01 7.37 -9.44
N HIS A 660 -23.96 7.08 -8.64
CA HIS A 660 -23.98 5.89 -7.80
C HIS A 660 -23.83 6.10 -6.29
N VAL A 661 -24.34 5.10 -5.55
CA VAL A 661 -24.26 4.93 -4.11
C VAL A 661 -23.25 3.78 -3.92
N PHE A 662 -22.19 4.02 -3.15
CA PHE A 662 -21.19 2.98 -2.92
C PHE A 662 -21.43 2.42 -1.54
N VAL A 663 -21.67 1.10 -1.43
CA VAL A 663 -21.96 0.46 -0.15
C VAL A 663 -20.86 -0.49 0.29
N LEU A 664 -20.38 -0.40 1.54
CA LEU A 664 -19.35 -1.32 2.05
C LEU A 664 -19.99 -2.40 2.89
N VAL A 665 -19.69 -3.67 2.59
CA VAL A 665 -20.17 -4.81 3.35
C VAL A 665 -18.99 -5.28 4.19
N PRO A 666 -18.95 -4.87 5.48
CA PRO A 666 -17.81 -5.23 6.34
C PRO A 666 -17.48 -6.72 6.38
N LYS A 667 -18.51 -7.59 6.41
CA LYS A 667 -18.39 -9.06 6.45
C LYS A 667 -17.46 -9.58 5.37
N TYR A 668 -17.59 -9.07 4.14
CA TYR A 668 -16.77 -9.52 3.03
C TYR A 668 -15.67 -8.55 2.63
N GLY A 669 -15.65 -7.36 3.20
CA GLY A 669 -14.69 -6.33 2.81
C GLY A 669 -14.88 -5.84 1.38
N GLN A 670 -16.07 -6.10 0.79
CA GLN A 670 -16.38 -5.71 -0.57
C GLN A 670 -17.21 -4.44 -0.62
N GLU A 671 -16.98 -3.64 -1.66
CA GLU A 671 -17.69 -2.39 -1.89
C GLU A 671 -18.51 -2.55 -3.15
N GLY A 672 -19.80 -2.28 -3.05
CA GLY A 672 -20.70 -2.40 -4.19
C GLY A 672 -21.05 -1.05 -4.77
N LYS A 673 -21.35 -1.02 -6.08
CA LYS A 673 -21.72 0.22 -6.73
C LYS A 673 -23.17 0.07 -7.18
N ILE A 674 -24.08 0.94 -6.67
CA ILE A 674 -25.50 0.84 -7.00
C ILE A 674 -26.01 2.12 -7.64
N ALA A 675 -26.76 2.00 -8.75
CA ALA A 675 -27.25 3.17 -9.48
C ALA A 675 -28.42 3.88 -8.79
N LYS A 676 -28.33 5.23 -8.66
CA LYS A 676 -29.38 6.06 -8.04
C LYS A 676 -30.74 5.98 -8.80
N GLU A 677 -30.69 5.66 -10.09
CA GLU A 677 -31.87 5.51 -10.93
C GLU A 677 -32.76 4.37 -10.42
N THR A 678 -32.13 3.31 -9.85
CA THR A 678 -32.77 2.09 -9.33
C THR A 678 -33.31 2.17 -7.90
N LEU A 679 -33.20 3.35 -7.25
CA LEU A 679 -33.65 3.49 -5.87
C LEU A 679 -34.87 4.37 -5.66
N VAL A 680 -35.81 3.93 -4.79
CA VAL A 680 -37.01 4.72 -4.42
C VAL A 680 -36.61 6.05 -3.71
N ARG A 681 -35.44 6.04 -3.03
CA ARG A 681 -34.84 7.19 -2.36
C ARG A 681 -33.35 6.92 -2.17
N VAL A 682 -32.52 7.91 -2.49
CA VAL A 682 -31.09 7.75 -2.35
C VAL A 682 -30.78 7.86 -0.86
N PRO A 683 -30.14 6.85 -0.28
CA PRO A 683 -29.83 6.93 1.18
C PRO A 683 -28.75 7.97 1.49
N ASN A 684 -28.70 8.44 2.72
CA ASN A 684 -27.71 9.42 3.15
C ASN A 684 -26.32 8.78 3.32
N LEU A 685 -25.27 9.61 3.49
CA LEU A 685 -23.93 9.10 3.70
C LEU A 685 -23.83 8.53 5.13
N LEU A 686 -23.20 7.35 5.26
CA LEU A 686 -22.97 6.57 6.47
C LEU A 686 -24.21 5.84 6.99
N ASP A 687 -25.29 5.78 6.21
CA ASP A 687 -26.51 5.10 6.64
C ASP A 687 -26.28 3.60 6.70
N LYS A 688 -26.75 2.95 7.77
CA LYS A 688 -26.57 1.50 7.90
C LYS A 688 -27.75 0.86 7.24
N VAL A 689 -27.52 0.26 6.06
CA VAL A 689 -28.53 -0.39 5.23
C VAL A 689 -28.36 -1.94 5.23
N LYS A 690 -29.31 -2.68 4.60
CA LYS A 690 -29.23 -4.14 4.50
C LYS A 690 -28.92 -4.41 3.07
N VAL A 691 -27.74 -4.99 2.79
CA VAL A 691 -27.29 -5.17 1.42
C VAL A 691 -27.58 -6.58 0.86
N GLY A 692 -28.24 -6.60 -0.29
CA GLY A 692 -28.53 -7.82 -1.02
C GLY A 692 -27.37 -8.12 -1.94
N ILE A 693 -26.89 -9.36 -1.89
CA ILE A 693 -25.75 -9.76 -2.70
C ILE A 693 -26.15 -10.92 -3.58
N GLU A 694 -25.88 -10.79 -4.88
CA GLU A 694 -26.29 -11.80 -5.85
C GLU A 694 -25.17 -12.17 -6.81
N VAL A 695 -24.96 -13.47 -7.02
CA VAL A 695 -23.92 -13.95 -7.93
C VAL A 695 -24.53 -14.41 -9.28
N ARG A 696 -24.37 -13.59 -10.33
CA ARG A 696 -24.91 -13.94 -11.64
C ARG A 696 -23.81 -13.97 -12.73
N ALA A 704 -19.65 -14.65 -14.61
CA ALA A 704 -19.27 -14.51 -13.19
C ALA A 704 -19.25 -13.04 -12.73
N SER A 705 -20.44 -12.47 -12.48
CA SER A 705 -20.58 -11.06 -12.05
C SER A 705 -21.34 -10.87 -10.72
N LEU A 706 -20.89 -9.93 -9.88
CA LEU A 706 -21.53 -9.67 -8.59
C LEU A 706 -22.46 -8.48 -8.62
N VAL A 707 -23.71 -8.70 -8.19
CA VAL A 707 -24.76 -7.67 -8.15
C VAL A 707 -25.14 -7.31 -6.71
N PHE A 708 -25.05 -6.01 -6.38
CA PHE A 708 -25.39 -5.48 -5.06
C PHE A 708 -26.72 -4.74 -5.07
N SER A 709 -27.38 -4.68 -3.91
CA SER A 709 -28.65 -3.97 -3.80
C SER A 709 -28.92 -3.55 -2.33
N ILE A 710 -29.99 -2.78 -2.09
CA ILE A 710 -30.43 -2.40 -0.75
C ILE A 710 -31.77 -3.11 -0.60
N ILE A 711 -31.91 -4.08 0.33
CA ILE A 711 -33.12 -4.91 0.52
C ILE A 711 -34.43 -4.11 0.35
N GLY A 712 -34.59 -3.05 1.12
CA GLY A 712 -35.68 -2.11 0.88
C GLY A 712 -35.13 -1.03 -0.05
N LEU A 713 -35.98 -0.17 -0.62
CA LEU A 713 -35.48 0.93 -1.50
C LEU A 713 -35.26 0.55 -2.96
N MET A 714 -35.36 -0.73 -3.35
CA MET A 714 -35.18 -1.08 -4.76
C MET A 714 -36.49 -0.90 -5.50
N LYS A 715 -36.44 -0.26 -6.67
CA LYS A 715 -37.64 -0.03 -7.51
C LYS A 715 -38.13 -1.33 -8.19
N GLY A 716 -39.44 -1.56 -8.13
CA GLY A 716 -40.04 -2.72 -8.77
C GLY A 716 -40.92 -2.36 -9.96
#